data_1ZCZ
#
_entry.id   1ZCZ
#
_cell.length_a   62.084
_cell.length_b   58.630
_cell.length_c   72.749
_cell.angle_alpha   99.26
_cell.angle_beta   96.89
_cell.angle_gamma   106.13
#
_symmetry.space_group_name_H-M   'P 1'
#
loop_
_entity.id
_entity.type
_entity.pdbx_description
1 polymer 'Bifunctional purine biosynthesis protein purH'
2 non-polymer 'POTASSIUM ION'
3 non-polymer 'TETRAETHYLENE GLYCOL'
4 water water
#
_entity_poly.entity_id   1
_entity_poly.type   'polypeptide(L)'
_entity_poly.pdbx_seq_one_letter_code
;MGSDKIHHHHHHMKRILVSLYEKEKYLDILRELHEKGWEIWASSGTAKFLKSNGIEANDVSTITGFENLLGGLVKTLHPE
IFAGILGPEPRWDVVFVDLYPPPDIDIGGVALLRAAAKNWKKVKPAFDMETLKLAIEIDDEETRKYLAGMTFAFTSVYDS
IRANQFVEGISLAFKREDLQLRYGENPHEKAFVYGKPAFEILHEGKTISFNNILDAENAWFMAKNLPRMGAVVVKHQSPC
GAAIGEDKVEIVKKAIEADDESSFGGILAVNFEMDEEVAKSLKKYLEVIVAPSFTQEAIEVLSKKKVRLLKPGDYASWAG
KMAFGSLVLSERKYPEGNFELVVGEPLSEKELEDLEFAYRVVEGAKSNAVLIAKDGVTVGIGSGQPSRKRAAWIATVMAG
EKAKGAVAASDAFFPFPDSLEILAQAGVKAVVAPLGSIRDEEVIEKARELGITFYKAPSRVFRH
;
_entity_poly.pdbx_strand_id   A,B
#
# COMPACT_ATOMS: atom_id res chain seq x y z
N MET A 13 26.31 -1.70 -37.23
CA MET A 13 26.12 -0.85 -36.02
C MET A 13 25.74 0.61 -36.38
N LYS A 14 25.37 1.38 -35.36
CA LYS A 14 24.87 2.77 -35.51
C LYS A 14 23.66 2.92 -36.47
N ARG A 15 22.68 2.04 -36.30
CA ARG A 15 21.38 2.17 -36.98
C ARG A 15 20.27 2.30 -35.94
N ILE A 16 19.46 3.33 -36.11
CA ILE A 16 18.36 3.62 -35.21
C ILE A 16 17.03 3.76 -35.94
N LEU A 17 15.98 3.16 -35.40
CA LEU A 17 14.62 3.32 -35.90
C LEU A 17 13.90 4.22 -34.91
N VAL A 18 13.32 5.30 -35.45
CA VAL A 18 12.67 6.33 -34.65
C VAL A 18 11.18 6.56 -35.04
N SER A 19 10.31 6.53 -34.03
CA SER A 19 8.92 7.00 -34.15
C SER A 19 8.61 8.00 -33.04
N LEU A 20 8.36 9.26 -33.40
CA LEU A 20 8.24 10.36 -32.42
C LEU A 20 6.87 11.03 -32.39
N TYR A 21 6.39 11.33 -31.20
CA TYR A 21 5.26 12.24 -31.01
C TYR A 21 5.81 13.62 -30.69
N GLU A 22 6.61 13.69 -29.62
CA GLU A 22 7.23 14.96 -29.19
C GLU A 22 8.43 15.26 -30.08
N LYS A 23 8.16 15.70 -31.31
CA LYS A 23 9.20 15.82 -32.30
C LYS A 23 10.30 16.82 -31.91
N GLU A 24 9.92 18.04 -31.55
CA GLU A 24 10.91 19.08 -31.26
C GLU A 24 11.76 18.75 -30.04
N LYS A 25 11.17 18.06 -29.06
CA LYS A 25 11.90 17.63 -27.87
C LYS A 25 13.17 16.82 -28.20
N TYR A 26 13.10 15.98 -29.21
CA TYR A 26 14.25 15.14 -29.58
C TYR A 26 15.02 15.58 -30.82
N LEU A 27 14.73 16.77 -31.35
CA LEU A 27 15.39 17.21 -32.57
C LEU A 27 16.91 17.39 -32.39
N ASP A 28 17.30 18.09 -31.31
CA ASP A 28 18.71 18.35 -31.02
C ASP A 28 19.52 17.07 -30.84
N ILE A 29 19.04 16.11 -30.07
CA ILE A 29 19.80 14.88 -29.87
C ILE A 29 19.87 14.05 -31.17
N LEU A 30 18.82 14.06 -31.97
CA LEU A 30 18.84 13.34 -33.24
C LEU A 30 19.84 13.94 -34.22
N ARG A 31 19.98 15.27 -34.19
CA ARG A 31 20.99 15.93 -35.00
C ARG A 31 22.39 15.46 -34.63
N GLU A 32 22.68 15.44 -33.33
CA GLU A 32 23.94 14.90 -32.81
C GLU A 32 24.22 13.49 -33.30
N LEU A 33 23.25 12.59 -33.20
CA LEU A 33 23.44 11.22 -33.64
C LEU A 33 23.80 11.17 -35.11
N HIS A 34 23.12 11.96 -35.93
CA HIS A 34 23.40 11.95 -37.36
C HIS A 34 24.80 12.52 -37.67
N GLU A 35 25.20 13.57 -36.93
CA GLU A 35 26.54 14.13 -37.05
C GLU A 35 27.61 13.12 -36.59
N LYS A 36 27.26 12.29 -35.61
CA LYS A 36 28.13 11.19 -35.16
C LYS A 36 27.98 9.93 -36.03
N GLY A 37 27.43 10.06 -37.23
CA GLY A 37 27.36 8.97 -38.20
C GLY A 37 26.32 7.88 -37.95
N TRP A 38 25.25 8.16 -37.19
CA TRP A 38 24.14 7.20 -37.10
C TRP A 38 23.30 7.26 -38.36
N GLU A 39 22.86 6.10 -38.82
CA GLU A 39 21.90 5.98 -39.91
C GLU A 39 20.48 5.99 -39.34
N ILE A 40 19.71 7.03 -39.64
CA ILE A 40 18.37 7.18 -39.06
C ILE A 40 17.28 6.65 -39.99
N TRP A 41 16.47 5.72 -39.46
CA TRP A 41 15.21 5.30 -40.09
C TRP A 41 14.05 5.79 -39.27
N ALA A 42 12.95 6.11 -39.94
CA ALA A 42 11.81 6.65 -39.22
C ALA A 42 10.45 6.36 -39.83
N SER A 43 9.46 6.40 -38.94
CA SER A 43 8.06 6.54 -39.32
C SER A 43 7.96 7.68 -40.33
N SER A 44 7.01 7.61 -41.25
CA SER A 44 6.94 8.57 -42.37
C SER A 44 6.70 10.04 -41.91
N GLY A 45 5.94 10.20 -40.84
CA GLY A 45 5.72 11.54 -40.27
C GLY A 45 6.97 12.09 -39.62
N THR A 46 7.65 11.25 -38.83
CA THR A 46 8.93 11.60 -38.28
C THR A 46 9.97 11.84 -39.38
N ALA A 47 9.87 11.07 -40.46
CA ALA A 47 10.84 11.15 -41.55
C ALA A 47 10.83 12.52 -42.23
N LYS A 48 9.63 13.06 -42.51
CA LYS A 48 9.55 14.38 -43.15
C LYS A 48 9.89 15.53 -42.19
N PHE A 49 9.56 15.38 -40.90
CA PHE A 49 9.94 16.39 -39.92
C PHE A 49 11.45 16.58 -39.84
N LEU A 50 12.18 15.47 -39.71
CA LEU A 50 13.63 15.50 -39.66
C LEU A 50 14.23 16.12 -40.92
N LYS A 51 13.69 15.77 -42.08
CA LYS A 51 14.14 16.33 -43.37
C LYS A 51 13.91 17.83 -43.46
N SER A 52 12.73 18.30 -43.03
CA SER A 52 12.44 19.73 -43.05
C SER A 52 13.36 20.51 -42.11
N ASN A 53 14.00 19.79 -41.18
CA ASN A 53 15.03 20.34 -40.31
C ASN A 53 16.46 19.98 -40.72
N GLY A 54 16.65 19.61 -41.99
CA GLY A 54 17.98 19.35 -42.53
C GLY A 54 18.66 18.08 -42.04
N ILE A 55 17.89 17.10 -41.58
CA ILE A 55 18.45 15.81 -41.14
C ILE A 55 17.99 14.67 -42.04
N GLU A 56 18.97 13.97 -42.61
CA GLU A 56 18.73 12.84 -43.50
C GLU A 56 18.11 11.71 -42.71
N ALA A 57 16.97 11.24 -43.19
CA ALA A 57 16.30 10.10 -42.56
C ALA A 57 15.74 9.20 -43.64
N ASN A 58 15.77 7.89 -43.39
CA ASN A 58 15.24 6.88 -44.28
C ASN A 58 13.84 6.55 -43.84
N ASP A 59 12.89 6.63 -44.76
CA ASP A 59 11.48 6.35 -44.48
C ASP A 59 11.32 4.85 -44.52
N VAL A 60 10.80 4.26 -43.46
CA VAL A 60 10.58 2.81 -43.42
C VAL A 60 9.58 2.31 -44.45
N SER A 61 8.71 3.19 -44.94
CA SER A 61 7.82 2.84 -46.05
C SER A 61 8.60 2.17 -47.18
N THR A 62 9.85 2.62 -47.39
CA THR A 62 10.81 2.05 -48.35
C THR A 62 10.96 0.50 -48.32
N ILE A 63 10.83 -0.11 -47.14
CA ILE A 63 11.05 -1.55 -46.96
C ILE A 63 9.76 -2.35 -46.75
N THR A 64 8.59 -1.73 -46.97
CA THR A 64 7.30 -2.42 -46.84
C THR A 64 6.35 -2.09 -48.00
N GLY A 65 5.33 -2.93 -48.19
CA GLY A 65 4.30 -2.66 -49.22
C GLY A 65 3.45 -1.47 -48.80
N PHE A 66 3.25 -0.50 -49.71
CA PHE A 66 2.52 0.73 -49.34
C PHE A 66 1.03 0.49 -49.18
N GLU A 67 0.50 0.89 -48.04
CA GLU A 67 -0.94 0.90 -47.82
C GLU A 67 -1.32 2.12 -46.98
N ASN A 68 -2.54 2.61 -47.17
CA ASN A 68 -3.03 3.75 -46.39
C ASN A 68 -4.39 3.43 -45.77
N LEU A 69 -4.51 2.23 -45.20
CA LEU A 69 -5.80 1.77 -44.66
C LEU A 69 -6.16 2.65 -43.46
N LEU A 70 -7.46 2.93 -43.32
CA LEU A 70 -7.96 3.79 -42.23
C LEU A 70 -7.19 5.11 -42.12
N GLY A 71 -6.77 5.65 -43.26
CA GLY A 71 -6.00 6.90 -43.31
C GLY A 71 -4.68 6.89 -42.55
N GLY A 72 -4.02 5.74 -42.46
CA GLY A 72 -2.66 5.68 -41.93
C GLY A 72 -2.49 5.06 -40.57
N LEU A 73 -3.59 4.59 -39.97
CA LEU A 73 -3.59 4.02 -38.61
C LEU A 73 -2.68 2.80 -38.42
N VAL A 74 -2.42 2.07 -39.51
CA VAL A 74 -1.73 0.77 -39.41
C VAL A 74 -0.41 0.68 -40.20
N LYS A 75 0.10 1.83 -40.62
CA LYS A 75 1.37 1.95 -41.35
C LYS A 75 2.56 1.25 -40.66
N THR A 76 2.54 1.17 -39.33
CA THR A 76 3.64 0.57 -38.56
C THR A 76 3.52 -0.97 -38.37
N LEU A 77 2.29 -1.47 -38.46
CA LEU A 77 1.98 -2.88 -38.13
C LEU A 77 2.18 -3.77 -39.37
N HIS A 78 3.45 -3.88 -39.77
CA HIS A 78 3.87 -4.55 -40.98
C HIS A 78 4.98 -5.56 -40.62
N PRO A 79 4.96 -6.75 -41.28
CA PRO A 79 5.87 -7.83 -40.87
C PRO A 79 7.36 -7.51 -41.11
N GLU A 80 7.67 -6.76 -42.15
CA GLU A 80 9.07 -6.43 -42.47
C GLU A 80 9.70 -5.62 -41.35
N ILE A 81 8.90 -4.73 -40.74
CA ILE A 81 9.39 -3.87 -39.67
C ILE A 81 9.63 -4.74 -38.43
N PHE A 82 8.66 -5.55 -38.03
CA PHE A 82 8.85 -6.39 -36.84
C PHE A 82 9.90 -7.48 -37.03
N ALA A 83 10.04 -8.01 -38.24
CA ALA A 83 11.11 -8.99 -38.50
C ALA A 83 12.49 -8.33 -38.38
N GLY A 84 12.58 -7.07 -38.79
CA GLY A 84 13.82 -6.29 -38.69
C GLY A 84 14.25 -5.99 -37.25
N ILE A 85 13.33 -6.12 -36.29
CA ILE A 85 13.60 -5.87 -34.87
C ILE A 85 13.82 -7.19 -34.14
N LEU A 86 13.01 -8.19 -34.49
CA LEU A 86 12.91 -9.43 -33.70
C LEU A 86 13.88 -10.53 -34.11
N GLY A 87 14.41 -10.47 -35.33
CA GLY A 87 15.32 -11.48 -35.82
C GLY A 87 16.72 -11.39 -35.22
N PRO A 88 17.52 -12.45 -35.39
CA PRO A 88 18.89 -12.45 -34.84
C PRO A 88 19.87 -11.54 -35.57
N GLU A 89 19.53 -11.12 -36.78
CA GLU A 89 20.32 -10.12 -37.49
C GLU A 89 19.48 -8.87 -37.79
N PRO A 90 19.19 -8.06 -36.76
CA PRO A 90 18.22 -6.96 -36.94
C PRO A 90 18.72 -5.82 -37.83
N ARG A 91 17.77 -5.05 -38.36
CA ARG A 91 18.05 -3.88 -39.19
C ARG A 91 18.49 -2.68 -38.39
N TRP A 92 18.20 -2.69 -37.09
CA TRP A 92 18.37 -1.54 -36.22
C TRP A 92 19.01 -1.98 -34.93
N ASP A 93 19.96 -1.18 -34.45
CA ASP A 93 20.63 -1.44 -33.18
C ASP A 93 19.90 -0.81 -31.99
N VAL A 94 19.20 0.30 -32.27
CA VAL A 94 18.35 0.99 -31.31
C VAL A 94 16.98 1.22 -31.92
N VAL A 95 15.97 1.04 -31.09
CA VAL A 95 14.57 1.37 -31.43
C VAL A 95 14.06 2.40 -30.43
N PHE A 96 13.85 3.61 -30.92
CA PHE A 96 13.37 4.74 -30.09
C PHE A 96 11.94 5.15 -30.46
N VAL A 97 11.03 4.99 -29.49
CA VAL A 97 9.62 5.34 -29.67
C VAL A 97 9.10 6.20 -28.52
N ASP A 98 8.54 7.34 -28.86
CA ASP A 98 7.92 8.27 -27.95
C ASP A 98 6.42 8.23 -28.28
N LEU A 99 5.60 7.83 -27.31
CA LEU A 99 4.17 7.59 -27.54
C LEU A 99 3.24 8.77 -27.32
N TYR A 100 2.09 8.73 -27.98
CA TYR A 100 1.14 9.83 -27.89
C TYR A 100 0.67 9.85 -26.42
N PRO A 101 0.49 11.06 -25.86
CA PRO A 101 0.02 11.13 -24.48
C PRO A 101 -1.45 10.79 -24.36
N PRO A 102 -1.89 10.53 -23.13
CA PRO A 102 -3.33 10.28 -22.91
C PRO A 102 -4.24 11.43 -23.33
N PRO A 103 -5.49 11.12 -23.72
CA PRO A 103 -6.11 9.79 -23.61
C PRO A 103 -5.89 8.83 -24.80
N ASP A 104 -5.14 9.24 -25.84
CA ASP A 104 -4.82 8.39 -27.00
C ASP A 104 -4.26 7.04 -26.58
N ILE A 105 -4.60 6.00 -27.33
CA ILE A 105 -4.08 4.65 -27.06
C ILE A 105 -3.27 4.18 -28.27
N ASP A 106 -1.98 3.97 -28.08
CA ASP A 106 -1.10 3.59 -29.17
C ASP A 106 -0.99 2.08 -29.33
N ILE A 107 -1.18 1.58 -30.55
CA ILE A 107 -1.05 0.15 -30.80
C ILE A 107 0.32 -0.23 -31.39
N GLY A 108 0.67 0.42 -32.50
CA GLY A 108 1.87 0.05 -33.24
C GLY A 108 3.16 0.37 -32.51
N GLY A 109 3.24 1.59 -31.95
CA GLY A 109 4.47 2.02 -31.27
C GLY A 109 4.82 1.21 -30.02
N VAL A 110 3.81 0.92 -29.22
CA VAL A 110 3.97 0.08 -28.03
C VAL A 110 4.48 -1.31 -28.46
N ALA A 111 3.94 -1.83 -29.57
CA ALA A 111 4.40 -3.14 -30.06
C ALA A 111 5.87 -3.09 -30.54
N LEU A 112 6.28 -2.03 -31.24
CA LEU A 112 7.70 -1.85 -31.63
C LEU A 112 8.65 -1.86 -30.44
N LEU A 113 8.29 -1.08 -29.44
CA LEU A 113 9.08 -0.97 -28.23
C LEU A 113 9.20 -2.33 -27.51
N ARG A 114 8.10 -3.04 -27.38
CA ARG A 114 8.11 -4.35 -26.71
C ARG A 114 8.90 -5.39 -27.50
N ALA A 115 8.88 -5.29 -28.83
CA ALA A 115 9.63 -6.18 -29.69
C ALA A 115 11.14 -5.97 -29.50
N ALA A 116 11.55 -4.70 -29.45
CA ALA A 116 12.96 -4.35 -29.23
C ALA A 116 13.42 -4.92 -27.87
N ALA A 117 12.57 -4.73 -26.86
CA ALA A 117 12.90 -5.22 -25.50
C ALA A 117 12.97 -6.73 -25.43
N LYS A 118 12.06 -7.42 -26.13
CA LYS A 118 12.12 -8.86 -26.28
C LYS A 118 13.46 -9.34 -26.83
N ASN A 119 13.97 -8.66 -27.86
CA ASN A 119 15.23 -9.00 -28.52
C ASN A 119 16.42 -8.16 -27.99
N TRP A 120 16.42 -8.01 -26.66
CA TRP A 120 17.34 -7.15 -25.94
C TRP A 120 18.85 -7.44 -26.15
N LYS A 121 19.21 -8.67 -26.48
CA LYS A 121 20.61 -9.00 -26.72
C LYS A 121 21.10 -8.38 -28.02
N LYS A 122 20.18 -8.15 -28.95
CA LYS A 122 20.53 -7.67 -30.28
C LYS A 122 20.06 -6.25 -30.62
N VAL A 123 19.06 -5.76 -29.88
CA VAL A 123 18.45 -4.45 -30.12
C VAL A 123 18.28 -3.75 -28.76
N LYS A 124 18.42 -2.43 -28.72
CA LYS A 124 18.25 -1.70 -27.48
C LYS A 124 17.05 -0.77 -27.57
N PRO A 125 16.05 -1.01 -26.70
CA PRO A 125 14.87 -0.16 -26.68
C PRO A 125 15.10 1.17 -25.92
N ALA A 126 14.45 2.25 -26.38
CA ALA A 126 14.41 3.50 -25.63
C ALA A 126 13.06 4.21 -25.87
N PHE A 127 12.63 4.96 -24.87
CA PHE A 127 11.32 5.65 -24.88
C PHE A 127 11.34 7.05 -24.26
N ASP A 128 12.51 7.54 -23.86
CA ASP A 128 12.65 8.89 -23.34
C ASP A 128 14.10 9.33 -23.43
N MET A 129 14.40 10.55 -23.03
CA MET A 129 15.78 11.06 -23.17
C MET A 129 16.80 10.22 -22.39
N GLU A 130 16.42 9.83 -21.18
CA GLU A 130 17.29 9.07 -20.30
C GLU A 130 17.70 7.71 -20.92
N THR A 131 16.71 6.93 -21.32
CA THR A 131 16.93 5.62 -21.96
C THR A 131 17.54 5.74 -23.35
N LEU A 132 17.24 6.81 -24.08
CA LEU A 132 17.91 7.02 -25.38
C LEU A 132 19.40 7.18 -25.16
N LYS A 133 19.77 8.01 -24.19
CA LYS A 133 21.17 8.32 -23.97
C LYS A 133 21.92 7.07 -23.54
N LEU A 134 21.29 6.20 -22.74
CA LEU A 134 21.92 4.92 -22.43
C LEU A 134 22.04 4.04 -23.67
N ALA A 135 20.92 3.86 -24.39
CA ALA A 135 20.90 2.98 -25.57
C ALA A 135 21.94 3.36 -26.63
N ILE A 136 22.22 4.64 -26.75
CA ILE A 136 23.19 5.10 -27.73
C ILE A 136 24.65 4.74 -27.32
N GLU A 137 24.91 4.76 -26.02
CA GLU A 137 26.27 4.60 -25.51
C GLU A 137 26.67 3.13 -25.35
N ILE A 138 25.79 2.41 -24.69
CA ILE A 138 26.16 1.16 -24.04
C ILE A 138 25.97 -0.05 -24.92
N ASP A 139 26.67 -1.13 -24.60
CA ASP A 139 26.38 -2.43 -25.21
C ASP A 139 26.47 -3.64 -24.26
N ASP A 140 26.78 -3.40 -22.99
CA ASP A 140 26.97 -4.51 -22.04
C ASP A 140 25.65 -5.17 -21.64
N GLU A 141 25.73 -6.47 -21.34
CA GLU A 141 24.53 -7.27 -21.10
C GLU A 141 23.68 -6.79 -19.92
N GLU A 142 24.34 -6.42 -18.83
CA GLU A 142 23.60 -5.90 -17.67
C GLU A 142 22.79 -4.66 -18.06
N THR A 143 23.40 -3.74 -18.80
CA THR A 143 22.71 -2.50 -19.20
C THR A 143 21.62 -2.80 -20.23
N ARG A 144 21.88 -3.75 -21.14
CA ARG A 144 20.81 -4.20 -22.08
C ARG A 144 19.58 -4.78 -21.38
N LYS A 145 19.81 -5.55 -20.33
CA LYS A 145 18.74 -6.09 -19.51
C LYS A 145 17.95 -5.02 -18.77
N TYR A 146 18.66 -4.04 -18.24
CA TYR A 146 18.03 -2.87 -17.61
C TYR A 146 17.15 -2.10 -18.59
N LEU A 147 17.64 -1.86 -19.81
CA LEU A 147 16.80 -1.18 -20.81
C LEU A 147 15.51 -1.95 -21.13
N ALA A 148 15.58 -3.28 -21.20
CA ALA A 148 14.41 -4.09 -21.44
C ALA A 148 13.44 -3.99 -20.25
N GLY A 149 13.96 -4.10 -19.03
CA GLY A 149 13.10 -3.98 -17.86
C GLY A 149 12.42 -2.62 -17.79
N MET A 150 13.20 -1.57 -18.02
CA MET A 150 12.64 -0.22 -18.01
C MET A 150 11.50 -0.08 -19.01
N THR A 151 11.66 -0.69 -20.18
CA THR A 151 10.67 -0.57 -21.26
C THR A 151 9.37 -1.25 -20.88
N PHE A 152 9.45 -2.48 -20.35
CA PHE A 152 8.25 -3.17 -19.90
C PHE A 152 7.64 -2.48 -18.67
N ALA A 153 8.47 -1.88 -17.81
CA ALA A 153 7.93 -1.11 -16.66
C ALA A 153 7.09 0.07 -17.17
N PHE A 154 7.59 0.67 -18.26
CA PHE A 154 6.94 1.80 -18.91
C PHE A 154 5.60 1.44 -19.60
N THR A 155 5.60 0.36 -20.37
CA THR A 155 4.39 -0.12 -21.04
C THR A 155 3.33 -0.63 -20.04
N SER A 156 3.78 -1.22 -18.93
CA SER A 156 2.85 -1.57 -17.83
C SER A 156 2.10 -0.34 -17.27
N VAL A 157 2.83 0.73 -16.98
CA VAL A 157 2.22 1.93 -16.44
C VAL A 157 1.32 2.57 -17.52
N TYR A 158 1.78 2.56 -18.77
CA TYR A 158 0.97 3.15 -19.87
C TYR A 158 -0.43 2.50 -19.93
N ASP A 159 -0.41 1.19 -19.88
CA ASP A 159 -1.62 0.41 -20.02
C ASP A 159 -2.51 0.51 -18.78
N SER A 160 -1.91 0.69 -17.61
CA SER A 160 -2.67 0.97 -16.39
C SER A 160 -3.51 2.25 -16.51
N ILE A 161 -2.85 3.28 -17.00
CA ILE A 161 -3.48 4.56 -17.26
C ILE A 161 -4.67 4.36 -18.21
N ARG A 162 -4.47 3.58 -19.26
CA ARG A 162 -5.54 3.34 -20.23
C ARG A 162 -6.71 2.56 -19.62
N ALA A 163 -6.41 1.56 -18.79
CA ALA A 163 -7.47 0.75 -18.15
C ALA A 163 -8.40 1.61 -17.35
N ASN A 164 -7.78 2.53 -16.60
CA ASN A 164 -8.50 3.41 -15.68
C ASN A 164 -9.28 4.48 -16.41
N GLN A 165 -8.96 4.71 -17.69
CA GLN A 165 -9.79 5.59 -18.54
C GLN A 165 -11.15 4.92 -18.78
N PHE A 166 -11.17 3.59 -18.82
CA PHE A 166 -12.40 2.86 -19.12
C PHE A 166 -13.23 2.57 -17.88
N VAL A 167 -12.56 2.19 -16.80
CA VAL A 167 -13.20 1.86 -15.52
C VAL A 167 -12.32 2.45 -14.44
N GLU A 168 -12.81 3.46 -13.73
CA GLU A 168 -11.99 4.13 -12.73
C GLU A 168 -11.59 3.16 -11.63
N GLY A 169 -10.29 3.14 -11.30
CA GLY A 169 -9.74 2.29 -10.27
C GLY A 169 -9.59 0.80 -10.52
N ILE A 170 -9.74 0.35 -11.76
CA ILE A 170 -9.63 -1.07 -12.08
C ILE A 170 -8.18 -1.56 -12.07
N SER A 171 -7.24 -0.62 -12.19
CA SER A 171 -5.83 -0.95 -12.31
C SER A 171 -4.95 -0.06 -11.42
N LEU A 172 -3.89 -0.67 -10.86
CA LEU A 172 -2.87 0.04 -10.10
C LEU A 172 -1.50 -0.43 -10.58
N ALA A 173 -0.63 0.51 -10.90
CA ALA A 173 0.72 0.19 -11.43
C ALA A 173 1.70 1.31 -11.08
N PHE A 174 2.94 0.93 -10.80
CA PHE A 174 3.99 1.89 -10.49
C PHE A 174 5.31 1.35 -10.98
N LYS A 175 6.24 2.25 -11.31
CA LYS A 175 7.67 1.91 -11.44
C LYS A 175 8.40 2.20 -10.14
N ARG A 176 9.39 1.37 -9.83
CA ARG A 176 10.20 1.55 -8.66
C ARG A 176 11.00 2.86 -8.75
N GLU A 177 11.05 3.57 -7.63
CA GLU A 177 11.75 4.82 -7.57
C GLU A 177 12.91 4.67 -6.59
N ASP A 178 14.04 5.31 -6.90
CA ASP A 178 15.20 5.36 -5.98
C ASP A 178 15.19 6.57 -5.05
N LEU A 179 15.04 6.29 -3.76
CA LEU A 179 15.04 7.33 -2.73
C LEU A 179 16.27 7.20 -1.85
N GLN A 180 17.19 6.35 -2.26
CA GLN A 180 18.41 6.06 -1.51
C GLN A 180 18.17 5.52 -0.09
N LEU A 181 17.06 4.81 0.14
CA LEU A 181 16.78 4.28 1.47
C LEU A 181 17.78 3.17 1.81
N ARG A 182 18.24 3.12 3.05
CA ARG A 182 19.21 2.11 3.46
C ARG A 182 18.56 0.81 3.90
N TYR A 183 17.31 0.91 4.31
CA TYR A 183 16.56 -0.23 4.79
C TYR A 183 15.13 0.26 4.95
N GLY A 184 14.23 -0.63 5.31
CA GLY A 184 12.82 -0.30 5.45
C GLY A 184 12.48 0.15 6.87
N GLU A 185 11.54 -0.56 7.50
CA GLU A 185 11.05 -0.18 8.81
C GLU A 185 12.12 -0.42 9.88
N ASN A 186 12.95 -1.46 9.70
CA ASN A 186 14.04 -1.84 10.59
C ASN A 186 15.25 -2.23 9.77
N PRO A 187 16.45 -2.14 10.39
CA PRO A 187 17.70 -2.34 9.63
C PRO A 187 17.87 -3.68 8.85
N HIS A 188 17.20 -4.74 9.31
CA HIS A 188 17.29 -6.08 8.72
C HIS A 188 16.25 -6.31 7.60
N GLU A 189 15.42 -5.29 7.30
CA GLU A 189 14.37 -5.33 6.29
C GLU A 189 14.70 -4.40 5.09
N LYS A 190 14.47 -4.90 3.88
CA LYS A 190 14.62 -4.11 2.64
C LYS A 190 13.43 -3.21 2.34
N ALA A 191 13.73 -2.09 1.68
CA ALA A 191 12.68 -1.10 1.34
C ALA A 191 12.51 -1.02 -0.16
N PHE A 192 11.26 -0.82 -0.58
CA PHE A 192 10.94 -0.64 -1.99
C PHE A 192 9.97 0.53 -2.11
N VAL A 193 10.35 1.56 -2.86
CA VAL A 193 9.46 2.69 -3.09
C VAL A 193 8.96 2.69 -4.53
N TYR A 194 7.63 2.79 -4.68
CA TYR A 194 6.97 2.73 -5.99
C TYR A 194 6.24 4.02 -6.30
N GLY A 195 6.62 4.62 -7.45
CA GLY A 195 6.13 5.91 -7.89
C GLY A 195 6.96 7.08 -7.37
N LYS A 196 7.03 8.15 -8.15
CA LYS A 196 7.72 9.39 -7.77
C LYS A 196 6.92 10.11 -6.67
N PRO A 197 7.54 10.36 -5.51
CA PRO A 197 6.78 11.00 -4.43
C PRO A 197 6.60 12.49 -4.64
N ALA A 198 5.47 12.97 -4.13
CA ALA A 198 5.11 14.38 -4.27
C ALA A 198 5.70 15.18 -3.08
N PHE A 199 7.03 15.14 -2.95
CA PHE A 199 7.77 16.03 -2.04
C PHE A 199 9.19 16.28 -2.57
N GLU A 200 9.81 17.37 -2.09
CA GLU A 200 11.23 17.70 -2.29
C GLU A 200 11.87 17.72 -0.91
N ILE A 201 13.08 17.16 -0.80
CA ILE A 201 13.87 17.23 0.43
C ILE A 201 14.94 18.29 0.25
N LEU A 202 15.03 19.22 1.22
CA LEU A 202 16.05 20.26 1.21
C LEU A 202 16.95 20.00 2.43
N HIS A 203 18.12 19.42 2.22
CA HIS A 203 19.02 19.12 3.35
C HIS A 203 20.23 18.42 2.80
N GLU A 204 21.40 18.95 3.13
CA GLU A 204 22.66 18.31 2.76
C GLU A 204 23.08 17.32 3.86
N GLY A 205 23.31 16.07 3.47
CA GLY A 205 23.79 15.04 4.40
C GLY A 205 22.83 13.88 4.51
N LYS A 206 22.30 13.67 5.70
CA LYS A 206 21.38 12.57 5.95
C LYS A 206 20.10 12.72 5.14
N THR A 207 19.63 11.59 4.65
CA THR A 207 18.46 11.48 3.78
C THR A 207 17.20 11.19 4.64
N ILE A 208 16.01 11.22 4.04
CA ILE A 208 14.82 10.86 4.80
C ILE A 208 14.64 9.32 4.79
N SER A 209 14.34 8.79 5.97
CA SER A 209 14.21 7.37 6.18
C SER A 209 12.80 6.93 5.78
N PHE A 210 12.64 5.62 5.63
CA PHE A 210 11.32 4.99 5.47
C PHE A 210 10.35 5.48 6.55
N ASN A 211 10.76 5.37 7.82
CA ASN A 211 9.89 5.74 8.91
C ASN A 211 9.56 7.25 8.92
N ASN A 212 10.56 8.06 8.61
CA ASN A 212 10.45 9.52 8.53
C ASN A 212 9.36 9.90 7.48
N ILE A 213 9.36 9.21 6.33
CA ILE A 213 8.38 9.50 5.25
C ILE A 213 6.93 9.25 5.74
N LEU A 214 6.72 8.13 6.43
CA LEU A 214 5.40 7.80 6.96
C LEU A 214 4.94 8.75 8.11
N ASP A 215 5.86 9.14 8.96
CA ASP A 215 5.62 10.15 9.99
C ASP A 215 5.19 11.46 9.31
N ALA A 216 5.99 11.88 8.33
CA ALA A 216 5.75 13.14 7.62
C ALA A 216 4.39 13.17 6.88
N GLU A 217 3.97 12.02 6.35
CA GLU A 217 2.68 11.90 5.67
C GLU A 217 1.52 12.21 6.64
N ASN A 218 1.54 11.61 7.83
CA ASN A 218 0.47 11.88 8.79
C ASN A 218 0.53 13.34 9.32
N ALA A 219 1.73 13.80 9.67
CA ALA A 219 1.89 15.19 10.11
C ALA A 219 1.32 16.14 9.08
N TRP A 220 1.65 15.94 7.80
CA TRP A 220 1.17 16.86 6.77
C TRP A 220 -0.36 16.76 6.56
N PHE A 221 -0.90 15.54 6.53
CA PHE A 221 -2.34 15.43 6.31
C PHE A 221 -3.03 16.24 7.37
N MET A 222 -2.61 16.04 8.62
CA MET A 222 -3.27 16.73 9.74
C MET A 222 -3.08 18.24 9.70
N ALA A 223 -1.87 18.74 9.41
CA ALA A 223 -1.64 20.19 9.40
C ALA A 223 -2.35 20.92 8.26
N LYS A 224 -2.39 20.30 7.09
CA LYS A 224 -2.76 20.92 5.81
C LYS A 224 -4.15 21.53 5.86
N ASN A 225 -5.09 20.84 6.48
CA ASN A 225 -6.46 21.36 6.54
C ASN A 225 -6.95 21.78 7.93
N LEU A 226 -6.03 22.14 8.82
CA LEU A 226 -6.45 22.81 10.05
C LEU A 226 -7.28 24.06 9.72
N PRO A 227 -8.26 24.41 10.58
CA PRO A 227 -9.18 25.54 10.32
C PRO A 227 -8.50 26.90 10.36
N ARG A 228 -7.25 26.92 10.79
CA ARG A 228 -6.45 28.12 10.65
C ARG A 228 -5.00 27.76 10.78
N MET A 229 -4.14 28.78 10.83
CA MET A 229 -2.70 28.62 11.05
C MET A 229 -2.43 27.63 12.19
N GLY A 230 -1.61 26.62 11.90
CA GLY A 230 -1.47 25.51 12.83
C GLY A 230 -0.20 24.71 12.62
N ALA A 231 0.07 23.86 13.61
CA ALA A 231 1.27 23.04 13.66
C ALA A 231 0.87 21.75 14.33
N VAL A 232 1.45 20.65 13.86
CA VAL A 232 1.27 19.31 14.40
C VAL A 232 2.64 18.66 14.57
N VAL A 233 2.87 18.05 15.73
CA VAL A 233 4.08 17.27 15.96
C VAL A 233 3.66 15.79 16.05
N VAL A 234 4.35 14.96 15.28
CA VAL A 234 4.13 13.50 15.21
C VAL A 234 5.35 12.72 15.73
N LYS A 235 5.07 11.60 16.41
CA LYS A 235 6.07 10.62 16.85
C LYS A 235 5.47 9.28 16.54
N HIS A 236 6.22 8.41 15.87
CA HIS A 236 5.70 7.07 15.61
C HIS A 236 4.34 7.08 14.93
N GLN A 237 4.21 7.95 13.93
CA GLN A 237 3.07 8.04 13.04
C GLN A 237 1.74 8.40 13.72
N SER A 238 1.78 8.99 14.92
CA SER A 238 0.57 9.51 15.56
C SER A 238 0.92 10.88 16.15
N PRO A 239 -0.08 11.79 16.22
CA PRO A 239 0.23 13.10 16.80
C PRO A 239 0.57 13.00 18.30
N CYS A 240 1.61 13.68 18.76
CA CYS A 240 1.84 13.87 20.19
C CYS A 240 1.44 15.27 20.67
N GLY A 241 1.30 16.22 19.72
CA GLY A 241 0.93 17.58 20.06
C GLY A 241 0.52 18.40 18.86
N ALA A 242 -0.36 19.38 19.09
CA ALA A 242 -0.84 20.23 18.00
C ALA A 242 -1.39 21.54 18.55
N ALA A 243 -1.33 22.58 17.73
CA ALA A 243 -1.88 23.87 18.13
C ALA A 243 -2.37 24.66 16.91
N ILE A 244 -3.36 25.51 17.16
CA ILE A 244 -3.74 26.56 16.20
C ILE A 244 -3.69 27.95 16.85
N GLY A 245 -3.61 29.00 16.04
CA GLY A 245 -3.58 30.33 16.59
C GLY A 245 -3.27 31.38 15.55
N GLU A 246 -2.74 32.52 16.02
CA GLU A 246 -2.53 33.68 15.17
C GLU A 246 -1.07 34.09 15.07
N ASP A 247 -0.17 33.45 15.82
CA ASP A 247 1.25 33.84 15.83
C ASP A 247 2.08 32.62 15.55
N LYS A 248 2.82 32.66 14.44
CA LYS A 248 3.50 31.46 13.97
C LYS A 248 4.49 30.91 15.01
N VAL A 249 5.26 31.81 15.64
CA VAL A 249 6.27 31.36 16.60
C VAL A 249 5.57 30.69 17.78
N GLU A 250 4.50 31.31 18.23
CA GLU A 250 3.75 30.85 19.39
C GLU A 250 3.05 29.53 19.14
N ILE A 251 2.46 29.37 17.95
CA ILE A 251 1.81 28.11 17.55
C ILE A 251 2.79 26.93 17.57
N VAL A 252 3.98 27.11 17.00
CA VAL A 252 4.97 26.03 16.96
C VAL A 252 5.44 25.68 18.39
N LYS A 253 5.70 26.70 19.18
CA LYS A 253 6.09 26.51 20.59
C LYS A 253 5.08 25.67 21.32
N LYS A 254 3.81 26.06 21.20
CA LYS A 254 2.75 25.36 21.91
C LYS A 254 2.63 23.89 21.47
N ALA A 255 2.71 23.65 20.17
CA ALA A 255 2.58 22.29 19.64
C ALA A 255 3.72 21.39 20.13
N ILE A 256 4.93 21.96 20.14
CA ILE A 256 6.12 21.27 20.59
C ILE A 256 6.06 21.00 22.12
N GLU A 257 5.61 22.00 22.87
CA GLU A 257 5.57 21.88 24.34
C GLU A 257 4.38 21.09 24.88
N ALA A 258 3.36 20.85 24.05
CA ALA A 258 2.13 20.19 24.47
C ALA A 258 2.37 18.81 25.15
N ASP A 259 3.15 17.98 24.49
CA ASP A 259 3.76 16.82 25.12
C ASP A 259 5.26 17.00 24.94
N ASP A 260 5.86 17.80 25.80
CA ASP A 260 7.23 18.22 25.57
C ASP A 260 8.23 17.04 25.62
N GLU A 261 7.98 16.08 26.49
CA GLU A 261 8.84 14.90 26.56
C GLU A 261 8.84 14.13 25.23
N SER A 262 7.67 13.88 24.64
CA SER A 262 7.61 13.13 23.37
C SER A 262 8.08 13.87 22.10
N SER A 263 8.05 15.21 22.11
CA SER A 263 8.40 15.97 20.89
C SER A 263 9.88 15.81 20.50
N PHE A 264 10.72 15.35 21.42
CA PHE A 264 12.12 15.06 21.09
C PHE A 264 12.23 14.00 20.00
N GLY A 265 12.83 14.39 18.89
CA GLY A 265 12.93 13.57 17.70
C GLY A 265 11.65 13.57 16.84
N GLY A 266 10.74 14.50 17.10
CA GLY A 266 9.47 14.57 16.40
C GLY A 266 9.59 15.08 14.96
N ILE A 267 8.47 15.00 14.29
CA ILE A 267 8.27 15.42 12.93
C ILE A 267 7.21 16.53 13.03
N LEU A 268 7.62 17.74 12.69
CA LEU A 268 6.78 18.91 12.86
C LEU A 268 6.26 19.30 11.47
N ALA A 269 4.96 19.50 11.34
CA ALA A 269 4.36 20.02 10.12
C ALA A 269 3.59 21.29 10.44
N VAL A 270 3.82 22.31 9.60
CA VAL A 270 3.09 23.57 9.67
C VAL A 270 2.33 23.81 8.36
N ASN A 271 1.23 24.57 8.41
CA ASN A 271 0.44 24.87 7.20
C ASN A 271 0.68 26.29 6.65
N PHE A 272 1.86 26.80 6.97
CA PHE A 272 2.28 28.13 6.60
C PHE A 272 3.76 28.10 6.24
N GLU A 273 4.21 29.17 5.62
CA GLU A 273 5.58 29.26 5.18
C GLU A 273 6.53 29.32 6.36
N MET A 274 7.53 28.44 6.35
CA MET A 274 8.59 28.41 7.36
C MET A 274 9.56 29.54 7.08
N ASP A 275 9.59 30.53 7.96
CA ASP A 275 10.49 31.68 7.80
C ASP A 275 11.64 31.66 8.81
N GLU A 276 12.54 32.64 8.65
CA GLU A 276 13.69 32.82 9.53
C GLU A 276 13.34 32.88 11.02
N GLU A 277 12.31 33.65 11.36
CA GLU A 277 11.94 33.85 12.76
C GLU A 277 11.51 32.54 13.43
N VAL A 278 10.63 31.80 12.76
CA VAL A 278 10.18 30.52 13.26
C VAL A 278 11.36 29.55 13.33
N ALA A 279 12.15 29.52 12.27
CA ALA A 279 13.30 28.64 12.25
C ALA A 279 14.25 28.90 13.45
N LYS A 280 14.61 30.17 13.66
CA LYS A 280 15.45 30.54 14.82
C LYS A 280 14.85 30.17 16.19
N SER A 281 13.52 30.13 16.28
CA SER A 281 12.81 29.85 17.54
C SER A 281 12.83 28.37 17.96
N LEU A 282 13.12 27.46 17.03
CA LEU A 282 13.10 26.02 17.34
C LEU A 282 14.29 25.57 18.20
N LYS A 283 14.02 25.17 19.44
CA LYS A 283 15.06 24.66 20.34
C LYS A 283 15.05 23.12 20.43
N LYS A 284 13.88 22.53 20.22
CA LYS A 284 13.69 21.10 20.34
C LYS A 284 14.34 20.36 19.18
N TYR A 285 15.11 19.33 19.50
CA TYR A 285 15.62 18.41 18.47
C TYR A 285 14.46 17.69 17.74
N LEU A 286 14.44 17.83 16.40
CA LEU A 286 13.44 17.25 15.49
C LEU A 286 14.13 16.47 14.37
N GLU A 287 13.47 15.41 13.89
CA GLU A 287 13.97 14.65 12.72
C GLU A 287 13.60 15.28 11.37
N VAL A 288 12.35 15.75 11.26
CA VAL A 288 11.82 16.28 10.00
C VAL A 288 10.94 17.52 10.29
N ILE A 289 10.95 18.46 9.36
CA ILE A 289 10.07 19.63 9.33
C ILE A 289 9.44 19.70 7.94
N VAL A 290 8.10 19.75 7.90
CA VAL A 290 7.29 19.75 6.69
C VAL A 290 6.60 21.12 6.61
N ALA A 291 6.71 21.81 5.46
CA ALA A 291 6.05 23.07 5.32
C ALA A 291 5.74 23.29 3.83
N PRO A 292 4.68 24.06 3.53
CA PRO A 292 4.35 24.27 2.11
C PRO A 292 5.44 25.00 1.39
N SER A 293 6.20 25.81 2.12
CA SER A 293 7.37 26.49 1.54
C SER A 293 8.32 26.93 2.64
N PHE A 294 9.55 27.22 2.25
CA PHE A 294 10.62 27.57 3.15
C PHE A 294 11.31 28.77 2.54
N THR A 295 11.48 29.86 3.29
CA THR A 295 12.27 30.97 2.77
C THR A 295 13.74 30.57 2.75
N GLN A 296 14.53 31.30 1.98
CA GLN A 296 15.95 30.94 1.88
C GLN A 296 16.67 31.15 3.22
N GLU A 297 16.26 32.19 3.96
CA GLU A 297 16.83 32.48 5.28
C GLU A 297 16.48 31.39 6.27
N ALA A 298 15.28 30.83 6.11
CA ALA A 298 14.83 29.68 6.93
C ALA A 298 15.69 28.47 6.66
N ILE A 299 15.94 28.21 5.38
CA ILE A 299 16.82 27.10 4.98
C ILE A 299 18.25 27.27 5.50
N GLU A 300 18.76 28.51 5.49
CA GLU A 300 20.10 28.78 6.03
C GLU A 300 20.21 28.46 7.53
N VAL A 301 19.22 28.90 8.31
CA VAL A 301 19.22 28.62 9.75
C VAL A 301 19.16 27.10 9.98
N LEU A 302 18.20 26.45 9.36
CA LEU A 302 17.91 25.04 9.63
C LEU A 302 18.98 24.07 9.08
N SER A 303 19.73 24.50 8.08
CA SER A 303 20.83 23.70 7.53
C SER A 303 21.99 23.52 8.53
N LYS A 304 21.99 24.30 9.61
CA LYS A 304 22.95 24.10 10.71
C LYS A 304 22.58 22.85 11.55
N LYS A 305 21.40 22.31 11.31
CA LYS A 305 20.88 21.19 12.09
C LYS A 305 20.76 19.96 11.21
N LYS A 306 20.60 18.80 11.83
CA LYS A 306 20.52 17.55 11.11
C LYS A 306 19.13 17.37 10.45
N VAL A 307 18.15 18.08 11.00
CA VAL A 307 16.75 18.00 10.59
C VAL A 307 16.53 18.05 9.08
N ARG A 308 15.79 17.08 8.56
CA ARG A 308 15.39 17.06 7.16
C ARG A 308 14.19 17.97 6.88
N LEU A 309 14.25 18.66 5.75
CA LEU A 309 13.22 19.61 5.36
C LEU A 309 12.46 19.03 4.20
N LEU A 310 11.16 18.88 4.38
CA LEU A 310 10.28 18.26 3.37
C LEU A 310 9.25 19.30 2.86
N LYS A 311 9.26 19.53 1.56
CA LYS A 311 8.29 20.41 0.90
C LYS A 311 7.31 19.61 0.04
N PRO A 312 6.05 19.39 0.52
CA PRO A 312 5.14 18.54 -0.26
C PRO A 312 4.56 19.23 -1.49
N GLY A 313 4.19 18.42 -2.49
CA GLY A 313 3.38 18.87 -3.63
C GLY A 313 1.96 18.34 -3.42
N ASP A 314 1.12 18.46 -4.45
CA ASP A 314 -0.28 18.01 -4.34
C ASP A 314 -0.40 16.52 -4.65
N TYR A 315 -1.23 15.82 -3.87
CA TYR A 315 -1.47 14.39 -4.04
C TYR A 315 -2.68 13.96 -3.19
N ALA A 316 -3.16 12.74 -3.43
CA ALA A 316 -4.23 12.11 -2.63
C ALA A 316 -3.67 11.16 -1.57
N SER A 317 -4.16 11.26 -0.33
CA SER A 317 -3.79 10.36 0.75
C SER A 317 -4.71 9.14 0.77
N TRP A 318 -4.16 7.99 1.14
CA TRP A 318 -4.88 6.71 1.24
C TRP A 318 -4.49 5.98 2.52
N ALA A 319 -5.48 5.40 3.19
CA ALA A 319 -5.23 4.52 4.29
C ALA A 319 -5.08 3.12 3.69
N GLY A 320 -4.60 2.20 4.50
CA GLY A 320 -4.49 0.80 4.08
C GLY A 320 -3.06 0.32 3.87
N LYS A 321 -2.95 -0.98 3.62
CA LYS A 321 -1.67 -1.68 3.60
C LYS A 321 -1.76 -2.93 2.75
N MET A 322 -0.60 -3.58 2.49
CA MET A 322 -0.60 -4.96 2.03
C MET A 322 -1.15 -5.88 3.11
N ALA A 323 -2.02 -6.82 2.72
CA ALA A 323 -2.55 -7.82 3.62
C ALA A 323 -2.85 -9.03 2.78
N PHE A 324 -2.36 -10.20 3.21
CA PHE A 324 -2.55 -11.46 2.50
C PHE A 324 -2.17 -11.37 1.01
N GLY A 325 -1.16 -10.54 0.73
CA GLY A 325 -0.63 -10.34 -0.64
C GLY A 325 -1.42 -9.45 -1.56
N SER A 326 -2.46 -8.80 -1.03
CA SER A 326 -3.30 -7.83 -1.74
C SER A 326 -2.93 -6.47 -1.21
N LEU A 327 -3.02 -5.44 -2.04
CA LEU A 327 -2.96 -4.06 -1.52
C LEU A 327 -4.39 -3.59 -1.18
N VAL A 328 -4.65 -3.36 0.10
CA VAL A 328 -6.01 -3.11 0.59
C VAL A 328 -6.10 -1.65 1.01
N LEU A 329 -6.66 -0.81 0.15
CA LEU A 329 -6.70 0.65 0.36
C LEU A 329 -8.09 1.18 0.66
N SER A 330 -8.10 2.33 1.31
CA SER A 330 -9.27 3.10 1.62
C SER A 330 -8.94 4.55 1.33
N GLU A 331 -9.90 5.33 0.87
CA GLU A 331 -9.76 6.79 0.91
C GLU A 331 -9.47 7.22 2.33
N ARG A 332 -8.72 8.30 2.50
CA ARG A 332 -8.55 8.95 3.79
C ARG A 332 -9.20 10.33 3.69
N LYS A 333 -10.35 10.52 4.34
CA LYS A 333 -11.12 11.79 4.26
C LYS A 333 -11.48 12.29 5.64
N TYR A 334 -11.25 13.56 5.92
CA TYR A 334 -11.85 14.17 7.09
C TYR A 334 -13.32 14.38 6.72
N PRO A 335 -14.27 13.89 7.53
CA PRO A 335 -15.69 13.92 7.12
C PRO A 335 -16.39 15.27 7.14
N GLU A 336 -17.07 15.54 6.03
CA GLU A 336 -17.87 16.72 5.83
C GLU A 336 -19.21 16.56 6.57
N GLY A 337 -19.70 17.71 7.02
CA GLY A 337 -20.94 17.78 7.80
C GLY A 337 -20.68 18.57 9.06
N ASN A 338 -21.60 19.46 9.39
CA ASN A 338 -21.49 20.23 10.62
C ASN A 338 -21.73 19.31 11.81
N PHE A 339 -21.06 19.59 12.92
CA PHE A 339 -21.36 18.95 14.18
C PHE A 339 -22.74 19.37 14.59
N GLU A 340 -23.45 18.48 15.30
CA GLU A 340 -24.80 18.79 15.77
C GLU A 340 -24.81 18.69 17.28
N LEU A 341 -25.29 19.75 17.94
CA LEU A 341 -25.41 19.79 19.41
C LEU A 341 -26.48 18.77 19.82
N VAL A 342 -26.13 17.81 20.67
CA VAL A 342 -27.11 16.78 21.09
C VAL A 342 -27.70 17.13 22.44
N VAL A 343 -26.84 17.45 23.40
CA VAL A 343 -27.30 17.89 24.71
C VAL A 343 -26.31 18.88 25.34
N GLY A 344 -26.85 19.80 26.16
CA GLY A 344 -26.07 20.75 26.94
C GLY A 344 -26.08 22.14 26.33
N GLU A 345 -25.37 23.07 26.97
CA GLU A 345 -25.34 24.45 26.46
C GLU A 345 -24.37 24.54 25.28
N PRO A 346 -24.76 25.31 24.25
CA PRO A 346 -23.92 25.53 23.10
C PRO A 346 -22.66 26.26 23.48
N LEU A 347 -21.58 25.90 22.80
CA LEU A 347 -20.25 26.45 23.05
C LEU A 347 -20.11 27.80 22.36
N SER A 348 -19.15 28.60 22.82
CA SER A 348 -18.87 29.88 22.21
C SER A 348 -18.22 29.61 20.85
N GLU A 349 -18.28 30.60 19.97
CA GLU A 349 -17.57 30.56 18.68
C GLU A 349 -16.11 30.06 18.81
N LYS A 350 -15.40 30.56 19.83
CA LYS A 350 -14.01 30.17 20.07
C LYS A 350 -13.89 28.70 20.46
N GLU A 351 -14.76 28.26 21.37
CA GLU A 351 -14.73 26.87 21.86
C GLU A 351 -15.11 25.87 20.77
N LEU A 352 -16.01 26.27 19.90
CA LEU A 352 -16.36 25.47 18.74
C LEU A 352 -15.20 25.34 17.78
N GLU A 353 -14.38 26.40 17.68
CA GLU A 353 -13.13 26.30 16.93
C GLU A 353 -12.19 25.27 17.56
N ASP A 354 -12.07 25.33 18.88
CA ASP A 354 -11.33 24.31 19.64
C ASP A 354 -11.86 22.89 19.37
N LEU A 355 -13.18 22.76 19.31
CA LEU A 355 -13.82 21.47 19.08
C LEU A 355 -13.53 20.85 17.69
N GLU A 356 -13.56 21.66 16.62
CA GLU A 356 -13.19 21.20 15.28
C GLU A 356 -11.73 20.84 15.17
N PHE A 357 -10.88 21.73 15.69
CA PHE A 357 -9.43 21.44 15.84
C PHE A 357 -9.22 20.08 16.51
N ALA A 358 -9.92 19.84 17.62
CA ALA A 358 -9.76 18.57 18.32
C ALA A 358 -10.17 17.36 17.47
N TYR A 359 -11.28 17.46 16.72
CA TYR A 359 -11.71 16.37 15.84
C TYR A 359 -10.74 16.15 14.67
N ARG A 360 -10.28 17.22 14.04
CA ARG A 360 -9.22 17.09 13.00
C ARG A 360 -7.96 16.36 13.49
N VAL A 361 -7.53 16.65 14.70
CA VAL A 361 -6.34 16.00 15.22
C VAL A 361 -6.65 14.55 15.60
N VAL A 362 -7.82 14.30 16.20
CA VAL A 362 -8.11 12.91 16.60
C VAL A 362 -8.33 12.00 15.35
N GLU A 363 -8.74 12.58 14.22
CA GLU A 363 -8.80 11.87 12.93
C GLU A 363 -7.45 11.20 12.62
N GLY A 364 -6.36 11.92 12.86
CA GLY A 364 -4.97 11.42 12.61
C GLY A 364 -4.38 10.55 13.69
N ALA A 365 -4.94 10.60 14.88
CA ALA A 365 -4.48 9.72 15.97
C ALA A 365 -4.83 8.24 15.74
N LYS A 366 -3.90 7.36 16.04
CA LYS A 366 -4.17 5.90 15.94
C LYS A 366 -5.23 5.38 16.90
N SER A 367 -6.15 4.58 16.38
CA SER A 367 -7.34 4.13 17.10
C SER A 367 -7.02 3.01 18.08
N ASN A 368 -7.82 2.84 19.15
CA ASN A 368 -8.80 3.84 19.65
C ASN A 368 -8.07 5.10 20.15
N ALA A 369 -8.59 6.29 19.78
CA ALA A 369 -8.02 7.55 20.24
C ALA A 369 -9.04 8.51 20.89
N VAL A 370 -8.62 9.13 21.98
CA VAL A 370 -9.34 10.22 22.63
C VAL A 370 -8.35 11.35 22.90
N LEU A 371 -8.77 12.57 22.62
CA LEU A 371 -7.90 13.71 22.96
C LEU A 371 -8.63 14.91 23.56
N ILE A 372 -7.87 15.65 24.33
CA ILE A 372 -8.33 16.79 25.09
C ILE A 372 -7.56 18.02 24.63
N ALA A 373 -8.26 19.10 24.38
CA ALA A 373 -7.66 20.34 23.94
C ALA A 373 -8.31 21.55 24.65
N LYS A 374 -7.55 22.62 24.80
CA LYS A 374 -8.10 23.84 25.38
C LYS A 374 -7.32 25.02 24.86
N ASP A 375 -8.04 26.08 24.53
CA ASP A 375 -7.43 27.32 24.05
C ASP A 375 -6.45 27.08 22.89
N GLY A 376 -6.90 26.28 21.92
CA GLY A 376 -6.20 26.06 20.66
C GLY A 376 -5.01 25.13 20.71
N VAL A 377 -4.86 24.35 21.78
CA VAL A 377 -3.71 23.45 21.91
C VAL A 377 -4.13 22.14 22.55
N THR A 378 -3.57 21.04 22.10
CA THR A 378 -3.80 19.74 22.75
C THR A 378 -3.19 19.75 24.13
N VAL A 379 -3.89 19.11 25.07
CA VAL A 379 -3.35 18.98 26.42
C VAL A 379 -3.18 17.54 26.91
N GLY A 380 -3.87 16.60 26.26
CA GLY A 380 -3.68 15.20 26.52
C GLY A 380 -4.22 14.35 25.39
N ILE A 381 -3.46 13.31 24.99
CA ILE A 381 -3.83 12.42 23.87
C ILE A 381 -3.63 10.99 24.34
N GLY A 382 -4.66 10.15 24.21
CA GLY A 382 -4.56 8.73 24.48
C GLY A 382 -4.88 8.04 23.18
N SER A 383 -3.93 7.30 22.63
CA SER A 383 -4.07 6.74 21.28
C SER A 383 -3.43 5.34 21.21
N GLY A 384 -3.73 4.63 20.12
CA GLY A 384 -3.34 3.23 19.94
C GLY A 384 -3.85 2.27 20.96
N GLN A 385 -5.06 2.51 21.48
CA GLN A 385 -5.54 1.70 22.56
C GLN A 385 -6.54 0.63 22.09
N PRO A 386 -6.56 -0.52 22.79
CA PRO A 386 -7.49 -1.58 22.41
C PRO A 386 -8.92 -1.35 22.87
N SER A 387 -9.16 -0.30 23.67
CA SER A 387 -10.50 0.00 24.21
C SER A 387 -10.62 1.51 24.38
N ARG A 388 -11.86 2.01 24.35
CA ARG A 388 -12.08 3.43 24.32
C ARG A 388 -11.87 4.00 25.73
N LYS A 389 -12.27 3.23 26.73
CA LYS A 389 -12.07 3.58 28.11
C LYS A 389 -10.59 3.84 28.38
N ARG A 390 -9.72 2.99 27.85
CA ARG A 390 -8.29 3.18 28.05
C ARG A 390 -7.75 4.42 27.40
N ALA A 391 -8.17 4.65 26.17
CA ALA A 391 -7.85 5.90 25.50
C ALA A 391 -8.22 7.15 26.33
N ALA A 392 -9.44 7.19 26.84
CA ALA A 392 -9.91 8.29 27.66
C ALA A 392 -9.07 8.42 28.93
N TRP A 393 -8.74 7.29 29.54
CA TRP A 393 -7.95 7.28 30.76
C TRP A 393 -6.56 7.89 30.52
N ILE A 394 -5.85 7.41 29.50
CA ILE A 394 -4.52 8.00 29.15
C ILE A 394 -4.62 9.49 28.85
N ALA A 395 -5.60 9.90 28.03
CA ALA A 395 -5.79 11.33 27.74
C ALA A 395 -5.92 12.17 29.01
N THR A 396 -6.74 11.72 29.95
CA THR A 396 -6.95 12.47 31.19
C THR A 396 -5.70 12.43 32.08
N VAL A 397 -5.01 11.31 32.11
CA VAL A 397 -3.76 11.23 32.91
C VAL A 397 -2.75 12.22 32.38
N MET A 398 -2.61 12.28 31.07
CA MET A 398 -1.67 13.18 30.42
C MET A 398 -2.07 14.64 30.58
N ALA A 399 -3.38 14.94 30.59
CA ALA A 399 -3.84 16.33 30.68
C ALA A 399 -3.75 16.91 32.09
N GLY A 400 -3.96 16.05 33.10
CA GLY A 400 -4.02 16.49 34.47
C GLY A 400 -4.97 17.66 34.65
N GLU A 401 -4.48 18.71 35.31
CA GLU A 401 -5.27 19.90 35.62
C GLU A 401 -5.73 20.67 34.37
N LYS A 402 -4.99 20.56 33.28
CA LYS A 402 -5.36 21.25 32.04
C LYS A 402 -6.67 20.76 31.39
N ALA A 403 -7.18 19.61 31.82
CA ALA A 403 -8.48 19.13 31.32
C ALA A 403 -9.66 19.92 31.88
N LYS A 404 -9.46 20.62 33.00
CA LYS A 404 -10.54 21.41 33.58
C LYS A 404 -10.96 22.50 32.61
N GLY A 405 -12.21 22.45 32.15
CA GLY A 405 -12.73 23.46 31.22
C GLY A 405 -12.39 23.18 29.78
N ALA A 406 -11.75 22.03 29.54
CA ALA A 406 -11.27 21.68 28.21
C ALA A 406 -12.39 21.03 27.37
N VAL A 407 -12.11 20.84 26.08
CA VAL A 407 -12.95 20.04 25.19
C VAL A 407 -12.25 18.73 24.83
N ALA A 408 -13.02 17.72 24.46
CA ALA A 408 -12.44 16.44 24.07
C ALA A 408 -13.06 15.95 22.76
N ALA A 409 -12.30 15.14 22.03
CA ALA A 409 -12.77 14.47 20.83
C ALA A 409 -12.45 12.99 20.92
N SER A 410 -13.38 12.18 20.41
CA SER A 410 -13.21 10.73 20.33
C SER A 410 -13.35 10.28 18.87
N ASP A 411 -12.43 9.44 18.39
CA ASP A 411 -12.47 9.03 16.96
C ASP A 411 -13.58 8.05 16.55
N ALA A 412 -14.19 7.44 17.55
CA ALA A 412 -15.36 6.59 17.35
C ALA A 412 -16.34 6.77 18.51
N PHE A 413 -17.53 6.20 18.39
CA PHE A 413 -18.52 6.42 19.41
C PHE A 413 -18.07 5.85 20.74
N PHE A 414 -18.55 6.47 21.81
CA PHE A 414 -18.45 5.92 23.18
C PHE A 414 -19.37 4.69 23.32
N PRO A 415 -18.78 3.49 23.49
CA PRO A 415 -19.61 2.30 23.63
C PRO A 415 -20.37 2.17 24.96
N PHE A 416 -19.85 2.76 26.02
CA PHE A 416 -20.52 2.74 27.33
C PHE A 416 -20.37 4.13 27.93
N PRO A 417 -21.24 4.48 28.88
CA PRO A 417 -21.04 5.80 29.50
C PRO A 417 -19.71 5.97 30.30
N ASP A 418 -19.10 4.87 30.76
CA ASP A 418 -17.86 4.93 31.55
C ASP A 418 -16.77 5.82 30.95
N SER A 419 -16.59 5.77 29.63
CA SER A 419 -15.57 6.60 28.94
C SER A 419 -15.88 8.08 29.07
N LEU A 420 -17.16 8.42 29.00
CA LEU A 420 -17.61 9.79 29.14
C LEU A 420 -17.48 10.29 30.58
N GLU A 421 -17.73 9.38 31.51
CA GLU A 421 -17.56 9.69 32.90
C GLU A 421 -16.12 10.04 33.32
N ILE A 422 -15.15 9.34 32.74
CA ILE A 422 -13.73 9.63 32.99
C ILE A 422 -13.38 11.05 32.56
N LEU A 423 -13.84 11.45 31.37
CA LEU A 423 -13.66 12.82 30.91
C LEU A 423 -14.35 13.86 31.77
N ALA A 424 -15.61 13.62 32.18
CA ALA A 424 -16.33 14.61 32.99
C ALA A 424 -15.68 14.81 34.36
N GLN A 425 -15.25 13.71 34.97
CA GLN A 425 -14.58 13.69 36.27
C GLN A 425 -13.24 14.48 36.25
N ALA A 426 -12.60 14.54 35.08
CA ALA A 426 -11.41 15.37 34.88
C ALA A 426 -11.73 16.85 34.63
N GLY A 427 -13.00 17.18 34.44
CA GLY A 427 -13.41 18.58 34.27
C GLY A 427 -13.63 19.02 32.81
N VAL A 428 -13.67 18.04 31.90
CA VAL A 428 -13.93 18.35 30.49
C VAL A 428 -15.36 18.87 30.39
N LYS A 429 -15.58 19.93 29.61
CA LYS A 429 -16.91 20.55 29.55
C LYS A 429 -17.76 20.18 28.34
N ALA A 430 -17.11 19.68 27.29
CA ALA A 430 -17.77 19.31 26.03
C ALA A 430 -16.98 18.25 25.30
N VAL A 431 -17.69 17.41 24.55
CA VAL A 431 -17.08 16.35 23.76
C VAL A 431 -17.71 16.31 22.39
N VAL A 432 -16.91 15.90 21.41
CA VAL A 432 -17.38 15.60 20.07
C VAL A 432 -17.01 14.15 19.72
N ALA A 433 -17.99 13.41 19.19
CA ALA A 433 -17.86 12.00 18.86
C ALA A 433 -18.98 11.62 17.89
N PRO A 434 -18.74 10.60 17.07
CA PRO A 434 -19.90 9.98 16.37
C PRO A 434 -20.82 9.31 17.35
N LEU A 435 -22.05 9.09 16.92
CA LEU A 435 -22.99 8.24 17.62
C LEU A 435 -23.00 6.93 16.83
N GLY A 436 -23.91 6.01 17.19
CA GLY A 436 -23.96 4.68 16.58
C GLY A 436 -23.84 3.49 17.51
N SER A 437 -23.65 3.72 18.81
CA SER A 437 -23.64 2.61 19.76
C SER A 437 -25.06 2.15 20.06
N ILE A 438 -25.25 0.85 20.28
CA ILE A 438 -26.50 0.39 20.86
C ILE A 438 -26.80 1.10 22.21
N ARG A 439 -25.78 1.68 22.86
CA ARG A 439 -26.01 2.40 24.14
C ARG A 439 -25.95 3.92 24.00
N ASP A 440 -26.17 4.44 22.79
CA ASP A 440 -26.20 5.88 22.56
C ASP A 440 -27.12 6.55 23.57
N GLU A 441 -28.28 5.94 23.85
CA GLU A 441 -29.23 6.52 24.80
C GLU A 441 -28.63 6.76 26.19
N GLU A 442 -27.89 5.75 26.67
CA GLU A 442 -27.23 5.83 28.00
C GLU A 442 -26.06 6.80 28.00
N VAL A 443 -25.36 6.85 26.89
CA VAL A 443 -24.24 7.76 26.73
C VAL A 443 -24.76 9.17 26.80
N ILE A 444 -25.82 9.48 26.05
CA ILE A 444 -26.37 10.84 25.99
C ILE A 444 -26.97 11.23 27.33
N GLU A 445 -27.73 10.34 27.92
CA GLU A 445 -28.28 10.63 29.23
C GLU A 445 -27.20 10.88 30.30
N LYS A 446 -26.08 10.16 30.22
CA LYS A 446 -24.93 10.38 31.12
C LYS A 446 -24.32 11.76 30.90
N ALA A 447 -24.14 12.17 29.65
CA ALA A 447 -23.71 13.55 29.35
C ALA A 447 -24.63 14.59 29.95
N ARG A 448 -25.96 14.40 29.78
CA ARG A 448 -26.92 15.22 30.43
C ARG A 448 -26.77 15.20 31.96
N GLU A 449 -26.72 14.00 32.56
CA GLU A 449 -26.59 13.87 34.03
C GLU A 449 -25.37 14.66 34.53
N LEU A 450 -24.24 14.48 33.84
CA LEU A 450 -22.97 15.08 34.27
C LEU A 450 -22.79 16.56 33.89
N GLY A 451 -23.70 17.11 33.11
CA GLY A 451 -23.58 18.50 32.67
C GLY A 451 -22.45 18.67 31.69
N ILE A 452 -22.21 17.66 30.85
CA ILE A 452 -21.18 17.74 29.80
C ILE A 452 -21.92 17.94 28.46
N THR A 453 -21.43 18.85 27.64
CA THR A 453 -22.09 19.19 26.38
C THR A 453 -21.59 18.21 25.32
N PHE A 454 -22.52 17.66 24.53
CA PHE A 454 -22.21 16.59 23.55
C PHE A 454 -22.59 17.05 22.14
N TYR A 455 -21.61 17.06 21.25
CA TYR A 455 -21.79 17.33 19.82
C TYR A 455 -21.56 16.02 19.06
N LYS A 456 -22.46 15.73 18.13
CA LYS A 456 -22.40 14.55 17.27
C LYS A 456 -21.57 14.89 16.02
N ALA A 457 -20.52 14.11 15.77
CA ALA A 457 -19.69 14.26 14.55
C ALA A 457 -20.39 13.54 13.40
N PRO A 458 -20.24 14.02 12.13
CA PRO A 458 -20.91 13.38 11.00
C PRO A 458 -20.51 11.94 10.69
N SER A 459 -19.26 11.57 10.95
CA SER A 459 -18.80 10.20 10.70
C SER A 459 -17.57 9.87 11.54
N ARG A 460 -17.34 8.57 11.67
CA ARG A 460 -16.25 8.00 12.45
C ARG A 460 -14.95 8.33 11.78
N VAL A 461 -13.89 8.48 12.57
CA VAL A 461 -12.55 8.70 12.04
C VAL A 461 -11.48 7.76 12.60
N PHE A 462 -11.73 6.44 12.54
CA PHE A 462 -10.69 5.46 12.82
C PHE A 462 -9.51 5.79 11.92
N ARG A 463 -8.30 5.58 12.40
CA ARG A 463 -7.11 5.75 11.55
C ARG A 463 -6.01 4.95 12.16
N HIS A 464 -5.92 3.68 11.75
CA HIS A 464 -4.98 2.74 12.30
C HIS A 464 -3.62 2.78 11.59
N HIS B 11 -20.59 -14.05 -43.36
CA HIS B 11 -21.48 -13.61 -42.24
C HIS B 11 -21.17 -12.18 -41.81
N HIS B 12 -22.18 -11.43 -41.40
CA HIS B 12 -22.00 -10.05 -40.89
C HIS B 12 -22.05 -9.88 -39.35
N MET B 13 -22.43 -10.94 -38.61
CA MET B 13 -22.39 -10.91 -37.12
C MET B 13 -21.94 -12.27 -36.56
N LYS B 14 -21.70 -12.32 -35.24
CA LYS B 14 -21.16 -13.51 -34.54
C LYS B 14 -19.89 -14.05 -35.22
N ARG B 15 -18.92 -13.17 -35.40
CA ARG B 15 -17.59 -13.53 -35.92
C ARG B 15 -16.58 -13.39 -34.83
N ILE B 16 -15.77 -14.43 -34.63
CA ILE B 16 -14.77 -14.43 -33.58
C ILE B 16 -13.41 -14.77 -34.16
N LEU B 17 -12.44 -13.91 -33.90
CA LEU B 17 -11.03 -14.20 -34.17
C LEU B 17 -10.38 -14.73 -32.88
N VAL B 18 -9.70 -15.87 -33.01
CA VAL B 18 -9.03 -16.52 -31.90
C VAL B 18 -7.52 -16.70 -32.21
N SER B 19 -6.71 -16.49 -31.19
CA SER B 19 -5.28 -16.76 -31.24
C SER B 19 -4.94 -17.46 -29.93
N LEU B 20 -4.63 -18.75 -30.01
CA LEU B 20 -4.56 -19.66 -28.85
C LEU B 20 -3.20 -20.31 -28.75
N TYR B 21 -2.63 -20.34 -27.56
CA TYR B 21 -1.46 -21.18 -27.28
C TYR B 21 -1.97 -22.53 -26.74
N GLU B 22 -2.96 -22.49 -25.83
CA GLU B 22 -3.55 -23.72 -25.21
C GLU B 22 -4.82 -24.21 -25.93
N LYS B 23 -4.66 -25.02 -26.97
CA LYS B 23 -5.79 -25.53 -27.75
C LYS B 23 -6.72 -26.43 -26.92
N GLU B 24 -6.11 -27.34 -26.14
CA GLU B 24 -6.87 -28.42 -25.51
C GLU B 24 -7.70 -27.92 -24.32
N LYS B 25 -7.25 -26.87 -23.64
CA LYS B 25 -8.10 -26.18 -22.67
C LYS B 25 -9.45 -25.86 -23.33
N TYR B 26 -9.39 -25.07 -24.40
CA TYR B 26 -10.55 -24.41 -24.99
C TYR B 26 -11.22 -25.14 -26.17
N LEU B 27 -11.19 -26.47 -26.19
CA LEU B 27 -11.71 -27.22 -27.34
C LEU B 27 -13.22 -27.51 -27.25
N ASP B 28 -13.71 -27.64 -26.02
CA ASP B 28 -15.12 -27.92 -25.80
C ASP B 28 -15.91 -26.64 -26.02
N ILE B 29 -15.29 -25.50 -25.65
CA ILE B 29 -15.90 -24.18 -25.74
C ILE B 29 -16.07 -23.73 -27.20
N LEU B 30 -15.08 -24.03 -28.04
CA LEU B 30 -15.12 -23.60 -29.43
C LEU B 30 -16.06 -24.43 -30.25
N ARG B 31 -16.25 -25.67 -29.84
CA ARG B 31 -17.25 -26.54 -30.42
C ARG B 31 -18.65 -25.96 -30.17
N GLU B 32 -18.92 -25.56 -28.92
CA GLU B 32 -20.20 -24.95 -28.56
C GLU B 32 -20.43 -23.66 -29.34
N LEU B 33 -19.41 -22.82 -29.43
CA LEU B 33 -19.51 -21.53 -30.12
C LEU B 33 -19.94 -21.71 -31.56
N HIS B 34 -19.26 -22.60 -32.29
CA HIS B 34 -19.59 -22.84 -33.68
C HIS B 34 -20.98 -23.48 -33.81
N GLU B 35 -21.31 -24.36 -32.86
CA GLU B 35 -22.66 -24.94 -32.80
C GLU B 35 -23.74 -23.89 -32.52
N LYS B 36 -23.38 -22.79 -31.88
CA LYS B 36 -24.31 -21.67 -31.65
C LYS B 36 -24.19 -20.56 -32.70
N GLY B 37 -23.57 -20.85 -33.83
CA GLY B 37 -23.59 -19.97 -35.00
C GLY B 37 -22.43 -18.99 -35.12
N TRP B 38 -21.41 -19.16 -34.27
CA TRP B 38 -20.20 -18.34 -34.37
C TRP B 38 -19.33 -18.81 -35.52
N GLU B 39 -18.88 -17.85 -36.32
CA GLU B 39 -17.98 -18.10 -37.45
C GLU B 39 -16.56 -17.84 -36.95
N ILE B 40 -15.73 -18.87 -36.96
CA ILE B 40 -14.41 -18.82 -36.30
C ILE B 40 -13.30 -18.50 -37.30
N TRP B 41 -12.47 -17.53 -36.94
CA TRP B 41 -11.25 -17.25 -37.67
C TRP B 41 -10.04 -17.48 -36.74
N ALA B 42 -8.95 -17.96 -37.32
CA ALA B 42 -7.78 -18.35 -36.55
C ALA B 42 -6.56 -18.53 -37.46
N SER B 43 -5.44 -18.91 -36.86
CA SER B 43 -4.20 -19.24 -37.58
C SER B 43 -4.43 -20.24 -38.70
N SER B 44 -3.48 -20.31 -39.62
CA SER B 44 -3.47 -21.36 -40.62
C SER B 44 -3.40 -22.73 -39.93
N GLY B 45 -2.76 -22.78 -38.77
CA GLY B 45 -2.57 -24.05 -38.04
C GLY B 45 -3.77 -24.45 -37.21
N THR B 46 -4.34 -23.48 -36.50
CA THR B 46 -5.46 -23.74 -35.60
C THR B 46 -6.70 -24.05 -36.41
N ALA B 47 -6.88 -23.30 -37.49
CA ALA B 47 -7.89 -23.63 -38.48
C ALA B 47 -7.90 -25.11 -38.84
N LYS B 48 -6.71 -25.70 -39.03
CA LYS B 48 -6.63 -27.13 -39.38
C LYS B 48 -7.04 -28.00 -38.20
N PHE B 49 -6.41 -27.80 -37.04
CA PHE B 49 -6.73 -28.57 -35.83
C PHE B 49 -8.24 -28.71 -35.67
N LEU B 50 -8.91 -27.56 -35.59
CA LEU B 50 -10.35 -27.51 -35.42
C LEU B 50 -11.06 -28.29 -36.51
N LYS B 51 -10.61 -28.09 -37.75
CA LYS B 51 -11.22 -28.79 -38.88
C LYS B 51 -11.02 -30.30 -38.75
N SER B 52 -9.85 -30.71 -38.24
CA SER B 52 -9.58 -32.12 -37.91
C SER B 52 -10.46 -32.57 -36.74
N ASN B 53 -10.55 -31.72 -35.71
CA ASN B 53 -11.50 -31.96 -34.62
C ASN B 53 -12.98 -31.76 -35.04
N GLY B 54 -13.26 -31.76 -36.35
CA GLY B 54 -14.62 -31.64 -36.87
C GLY B 54 -15.30 -30.27 -36.83
N ILE B 55 -14.58 -29.25 -36.37
CA ILE B 55 -15.12 -27.89 -36.20
C ILE B 55 -14.65 -26.99 -37.33
N GLU B 56 -15.60 -26.43 -38.09
CA GLU B 56 -15.28 -25.54 -39.22
C GLU B 56 -14.65 -24.21 -38.75
N ALA B 57 -13.58 -23.80 -39.43
CA ALA B 57 -12.81 -22.60 -39.06
C ALA B 57 -12.12 -21.96 -40.29
N ASN B 58 -11.95 -20.65 -40.23
CA ASN B 58 -11.39 -19.87 -41.34
C ASN B 58 -9.96 -19.41 -41.05
N ASP B 59 -9.10 -19.51 -42.07
CA ASP B 59 -7.69 -19.17 -41.93
C ASP B 59 -7.50 -17.69 -42.22
N VAL B 60 -6.98 -16.98 -41.23
CA VAL B 60 -6.71 -15.55 -41.37
C VAL B 60 -5.67 -15.29 -42.46
N SER B 61 -4.74 -16.23 -42.66
CA SER B 61 -3.75 -16.15 -43.75
C SER B 61 -4.33 -15.80 -45.11
N THR B 62 -5.55 -16.24 -45.37
CA THR B 62 -6.21 -15.94 -46.65
C THR B 62 -6.55 -14.46 -46.81
N ILE B 63 -6.50 -13.68 -45.74
CA ILE B 63 -6.98 -12.31 -45.81
C ILE B 63 -5.86 -11.26 -45.76
N THR B 64 -4.61 -11.72 -45.74
CA THR B 64 -3.45 -10.85 -45.67
C THR B 64 -2.40 -11.44 -46.60
N GLY B 65 -1.37 -10.67 -46.92
CA GLY B 65 -0.25 -11.17 -47.71
C GLY B 65 0.51 -12.24 -46.97
N PHE B 66 1.17 -13.11 -47.71
CA PHE B 66 1.96 -14.19 -47.12
C PHE B 66 3.43 -13.78 -47.00
N GLU B 67 3.98 -14.08 -45.83
CA GLU B 67 5.41 -13.92 -45.62
C GLU B 67 5.93 -15.02 -44.71
N ASN B 68 7.18 -15.40 -44.94
CA ASN B 68 7.78 -16.55 -44.31
C ASN B 68 8.94 -16.09 -43.44
N LEU B 69 8.87 -14.83 -43.01
CA LEU B 69 9.93 -14.26 -42.21
C LEU B 69 10.00 -14.95 -40.84
N LEU B 70 11.22 -15.38 -40.46
CA LEU B 70 11.54 -15.92 -39.14
C LEU B 70 10.63 -17.08 -38.74
N GLY B 71 10.40 -17.98 -39.69
CA GLY B 71 9.57 -19.16 -39.48
C GLY B 71 8.19 -18.93 -38.90
N GLY B 72 7.60 -17.76 -39.15
CA GLY B 72 6.22 -17.50 -38.77
C GLY B 72 6.03 -16.57 -37.60
N LEU B 73 7.14 -16.18 -36.95
CA LEU B 73 7.11 -15.25 -35.84
C LEU B 73 6.27 -13.99 -36.04
N VAL B 74 6.20 -13.44 -37.25
CA VAL B 74 5.46 -12.17 -37.43
C VAL B 74 4.20 -12.23 -38.29
N LYS B 75 3.65 -13.41 -38.48
CA LYS B 75 2.47 -13.58 -39.33
C LYS B 75 1.17 -12.95 -38.80
N THR B 76 1.10 -12.63 -37.52
CA THR B 76 -0.01 -11.86 -36.96
C THR B 76 0.13 -10.36 -37.22
N LEU B 77 1.37 -9.91 -37.36
CA LEU B 77 1.71 -8.50 -37.41
C LEU B 77 1.62 -7.97 -38.85
N HIS B 78 0.39 -8.01 -39.38
CA HIS B 78 0.09 -7.63 -40.74
C HIS B 78 -0.97 -6.51 -40.73
N PRO B 79 -0.93 -5.57 -41.71
CA PRO B 79 -1.92 -4.47 -41.68
C PRO B 79 -3.41 -4.88 -41.81
N GLU B 80 -3.69 -5.90 -42.62
CA GLU B 80 -5.07 -6.29 -42.88
C GLU B 80 -5.74 -6.86 -41.64
N ILE B 81 -4.97 -7.56 -40.82
CA ILE B 81 -5.47 -8.14 -39.57
C ILE B 81 -5.81 -7.03 -38.57
N PHE B 82 -4.89 -6.09 -38.35
CA PHE B 82 -5.15 -4.97 -37.44
C PHE B 82 -6.24 -3.97 -37.90
N ALA B 83 -6.33 -3.74 -39.22
CA ALA B 83 -7.38 -2.92 -39.80
C ALA B 83 -8.76 -3.60 -39.64
N GLY B 84 -8.76 -4.92 -39.73
CA GLY B 84 -9.96 -5.73 -39.48
C GLY B 84 -10.48 -5.63 -38.05
N ILE B 85 -9.63 -5.17 -37.15
CA ILE B 85 -10.03 -4.96 -35.75
C ILE B 85 -10.31 -3.47 -35.43
N LEU B 86 -9.48 -2.58 -35.98
CA LEU B 86 -9.51 -1.16 -35.64
C LEU B 86 -10.47 -0.30 -36.46
N GLY B 87 -10.96 -0.79 -37.59
CA GLY B 87 -11.88 -0.04 -38.43
C GLY B 87 -13.29 0.04 -37.89
N PRO B 88 -14.10 0.97 -38.45
CA PRO B 88 -15.47 1.17 -38.01
C PRO B 88 -16.42 0.04 -38.45
N GLU B 89 -16.00 -0.70 -39.47
CA GLU B 89 -16.69 -1.90 -39.92
C GLU B 89 -15.72 -3.09 -39.80
N PRO B 90 -15.53 -3.62 -38.57
CA PRO B 90 -14.56 -4.69 -38.35
C PRO B 90 -14.99 -6.06 -38.88
N ARG B 91 -14.00 -6.93 -39.10
CA ARG B 91 -14.21 -8.30 -39.57
C ARG B 91 -14.68 -9.24 -38.48
N TRP B 92 -14.43 -8.87 -37.23
CA TRP B 92 -14.67 -9.73 -36.08
C TRP B 92 -15.32 -8.93 -34.98
N ASP B 93 -16.31 -9.54 -34.34
CA ASP B 93 -17.04 -8.96 -33.22
C ASP B 93 -16.42 -9.29 -31.87
N VAL B 94 -15.69 -10.39 -31.81
CA VAL B 94 -14.96 -10.82 -30.61
C VAL B 94 -13.54 -11.22 -31.00
N VAL B 95 -12.59 -10.79 -30.19
CA VAL B 95 -11.17 -11.13 -30.39
C VAL B 95 -10.73 -11.78 -29.08
N PHE B 96 -10.39 -13.06 -29.15
CA PHE B 96 -10.01 -13.83 -27.99
C PHE B 96 -8.58 -14.31 -28.16
N VAL B 97 -7.76 -14.03 -27.16
CA VAL B 97 -6.33 -14.38 -27.19
C VAL B 97 -5.91 -15.03 -25.88
N ASP B 98 -5.40 -16.25 -26.00
CA ASP B 98 -4.84 -17.00 -24.90
C ASP B 98 -3.32 -17.09 -25.09
N LEU B 99 -2.62 -16.40 -24.21
CA LEU B 99 -1.17 -16.16 -24.32
C LEU B 99 -0.35 -17.21 -23.60
N TYR B 100 0.86 -17.49 -24.09
CA TYR B 100 1.80 -18.34 -23.33
C TYR B 100 2.07 -17.73 -21.96
N PRO B 101 2.20 -18.58 -20.94
CA PRO B 101 2.61 -18.10 -19.63
C PRO B 101 4.06 -17.55 -19.56
N PRO B 102 4.38 -16.87 -18.46
CA PRO B 102 5.77 -16.48 -18.24
C PRO B 102 6.69 -17.70 -18.30
N PRO B 103 7.94 -17.51 -18.74
CA PRO B 103 8.60 -16.25 -19.03
C PRO B 103 8.46 -15.76 -20.48
N ASP B 104 7.67 -16.47 -21.31
CA ASP B 104 7.42 -16.05 -22.71
C ASP B 104 6.97 -14.58 -22.83
N ILE B 105 7.47 -13.90 -23.86
CA ILE B 105 7.05 -12.53 -24.15
C ILE B 105 6.37 -12.50 -25.47
N ASP B 106 5.07 -12.19 -25.46
CA ASP B 106 4.27 -12.19 -26.69
C ASP B 106 4.14 -10.79 -27.25
N ILE B 107 4.34 -10.64 -28.57
CA ILE B 107 4.20 -9.36 -29.25
C ILE B 107 2.85 -9.19 -29.99
N GLY B 108 2.53 -10.12 -30.90
CA GLY B 108 1.32 -10.03 -31.73
C GLY B 108 -0.01 -10.23 -31.03
N GLY B 109 -0.07 -11.22 -30.13
CA GLY B 109 -1.28 -11.52 -29.39
C GLY B 109 -1.69 -10.42 -28.44
N VAL B 110 -0.72 -9.87 -27.73
CA VAL B 110 -0.95 -8.72 -26.89
C VAL B 110 -1.46 -7.52 -27.68
N ALA B 111 -0.83 -7.27 -28.83
CA ALA B 111 -1.25 -6.21 -29.73
C ALA B 111 -2.69 -6.42 -30.25
N LEU B 112 -3.07 -7.66 -30.58
CA LEU B 112 -4.46 -7.96 -30.96
C LEU B 112 -5.47 -7.57 -29.90
N LEU B 113 -5.20 -7.97 -28.67
CA LEU B 113 -6.05 -7.69 -27.55
C LEU B 113 -6.23 -6.21 -27.31
N ARG B 114 -5.12 -5.45 -27.37
CA ARG B 114 -5.17 -4.00 -27.15
C ARG B 114 -5.92 -3.28 -28.26
N ALA B 115 -5.75 -3.74 -29.50
CA ALA B 115 -6.49 -3.21 -30.66
C ALA B 115 -8.01 -3.38 -30.47
N ALA B 116 -8.40 -4.58 -30.05
CA ALA B 116 -9.80 -4.85 -29.82
C ALA B 116 -10.36 -3.95 -28.72
N ALA B 117 -9.63 -3.82 -27.61
CA ALA B 117 -10.07 -2.96 -26.51
C ALA B 117 -10.15 -1.48 -26.95
N LYS B 118 -9.17 -1.06 -27.74
CA LYS B 118 -9.19 0.28 -28.36
C LYS B 118 -10.48 0.56 -29.14
N ASN B 119 -10.93 -0.43 -29.93
CA ASN B 119 -12.13 -0.32 -30.73
C ASN B 119 -13.32 -0.97 -30.04
N TRP B 120 -13.43 -0.71 -28.74
CA TRP B 120 -14.41 -1.35 -27.83
C TRP B 120 -15.89 -1.17 -28.21
N LYS B 121 -16.25 -0.11 -28.93
CA LYS B 121 -17.63 0.11 -29.35
C LYS B 121 -18.02 -0.87 -30.47
N LYS B 122 -17.03 -1.40 -31.19
CA LYS B 122 -17.28 -2.32 -32.30
C LYS B 122 -16.76 -3.77 -32.15
N VAL B 123 -15.87 -4.00 -31.19
CA VAL B 123 -15.19 -5.30 -31.01
C VAL B 123 -15.07 -5.50 -29.50
N LYS B 124 -15.18 -6.76 -29.08
CA LYS B 124 -15.10 -7.14 -27.67
C LYS B 124 -13.86 -8.01 -27.46
N PRO B 125 -12.88 -7.52 -26.68
CA PRO B 125 -11.72 -8.35 -26.40
C PRO B 125 -11.99 -9.35 -25.28
N ALA B 126 -11.28 -10.47 -25.32
CA ALA B 126 -11.37 -11.49 -24.25
C ALA B 126 -10.01 -12.22 -24.13
N PHE B 127 -9.62 -12.60 -22.92
CA PHE B 127 -8.29 -13.18 -22.69
C PHE B 127 -8.30 -14.35 -21.73
N ASP B 128 -9.48 -14.71 -21.24
CA ASP B 128 -9.65 -15.82 -20.35
C ASP B 128 -11.10 -16.29 -20.45
N MET B 129 -11.46 -17.29 -19.66
CA MET B 129 -12.78 -17.89 -19.76
C MET B 129 -13.90 -16.96 -19.36
N GLU B 130 -13.69 -16.14 -18.33
CA GLU B 130 -14.77 -15.31 -17.83
C GLU B 130 -15.05 -14.15 -18.77
N THR B 131 -14.00 -13.55 -19.30
CA THR B 131 -14.15 -12.44 -20.24
C THR B 131 -14.68 -12.95 -21.58
N LEU B 132 -14.33 -14.19 -21.97
CA LEU B 132 -14.85 -14.78 -23.21
C LEU B 132 -16.34 -14.94 -23.10
N LYS B 133 -16.81 -15.46 -21.96
CA LYS B 133 -18.23 -15.69 -21.76
C LYS B 133 -19.01 -14.37 -21.84
N LEU B 134 -18.51 -13.32 -21.21
CA LEU B 134 -19.13 -12.01 -21.29
C LEU B 134 -19.13 -11.50 -22.72
N ALA B 135 -17.98 -11.57 -23.36
CA ALA B 135 -17.85 -11.06 -24.73
C ALA B 135 -18.82 -11.71 -25.70
N ILE B 136 -19.12 -12.99 -25.47
CA ILE B 136 -20.02 -13.74 -26.35
C ILE B 136 -21.47 -13.31 -26.17
N GLU B 137 -21.85 -13.07 -24.91
CA GLU B 137 -23.23 -12.84 -24.51
C GLU B 137 -23.65 -11.38 -24.63
N ILE B 138 -22.77 -10.48 -24.19
CA ILE B 138 -23.18 -9.11 -23.91
C ILE B 138 -22.98 -8.21 -25.11
N ASP B 139 -23.77 -7.13 -25.19
CA ASP B 139 -23.54 -6.10 -26.20
C ASP B 139 -23.64 -4.64 -25.73
N ASP B 140 -23.93 -4.40 -24.45
CA ASP B 140 -24.20 -3.03 -23.99
C ASP B 140 -22.94 -2.19 -23.82
N GLU B 141 -23.08 -0.87 -23.97
CA GLU B 141 -21.94 0.03 -23.87
C GLU B 141 -21.18 -0.08 -22.54
N GLU B 142 -21.91 -0.11 -21.44
CA GLU B 142 -21.23 -0.17 -20.15
C GLU B 142 -20.34 -1.42 -20.07
N THR B 143 -20.83 -2.57 -20.54
CA THR B 143 -20.06 -3.81 -20.45
C THR B 143 -18.92 -3.90 -21.47
N ARG B 144 -19.13 -3.33 -22.66
CA ARG B 144 -18.03 -3.17 -23.59
C ARG B 144 -16.86 -2.38 -23.00
N LYS B 145 -17.15 -1.30 -22.28
CA LYS B 145 -16.08 -0.51 -21.63
C LYS B 145 -15.41 -1.33 -20.55
N TYR B 146 -16.19 -2.14 -19.86
CA TYR B 146 -15.64 -2.98 -18.79
C TYR B 146 -14.65 -3.96 -19.38
N LEU B 147 -15.00 -4.56 -20.52
CA LEU B 147 -14.11 -5.53 -21.16
C LEU B 147 -12.82 -4.87 -21.64
N ALA B 148 -12.93 -3.64 -22.12
CA ALA B 148 -11.78 -2.87 -22.53
C ALA B 148 -10.87 -2.57 -21.32
N GLY B 149 -11.49 -2.10 -20.24
CA GLY B 149 -10.77 -1.86 -19.00
C GLY B 149 -10.07 -3.09 -18.51
N MET B 150 -10.79 -4.21 -18.48
CA MET B 150 -10.21 -5.49 -18.07
C MET B 150 -8.98 -5.90 -18.88
N THR B 151 -9.03 -5.65 -20.18
CA THR B 151 -7.94 -6.03 -21.08
C THR B 151 -6.67 -5.23 -20.81
N PHE B 152 -6.81 -3.91 -20.65
CA PHE B 152 -5.65 -3.06 -20.39
C PHE B 152 -5.13 -3.32 -18.98
N ALA B 153 -6.02 -3.63 -18.05
CA ALA B 153 -5.59 -4.10 -16.70
C ALA B 153 -4.76 -5.40 -16.78
N PHE B 154 -5.20 -6.32 -17.64
CA PHE B 154 -4.50 -7.58 -17.87
C PHE B 154 -3.11 -7.37 -18.52
N THR B 155 -3.05 -6.54 -19.56
CA THR B 155 -1.80 -6.30 -20.23
C THR B 155 -0.83 -5.47 -19.37
N SER B 156 -1.34 -4.54 -18.56
CA SER B 156 -0.49 -3.87 -17.57
C SER B 156 0.19 -4.86 -16.63
N VAL B 157 -0.59 -5.78 -16.09
CA VAL B 157 -0.01 -6.77 -15.20
C VAL B 157 0.98 -7.69 -15.96
N TYR B 158 0.60 -8.09 -17.17
CA TYR B 158 1.45 -8.95 -18.01
C TYR B 158 2.84 -8.35 -18.15
N ASP B 159 2.87 -7.07 -18.51
CA ASP B 159 4.13 -6.36 -18.75
C ASP B 159 4.92 -6.07 -17.47
N SER B 160 4.23 -5.92 -16.35
CA SER B 160 4.92 -5.77 -15.04
C SER B 160 5.71 -7.01 -14.71
N ILE B 161 5.06 -8.17 -14.91
CA ILE B 161 5.72 -9.46 -14.74
C ILE B 161 6.96 -9.59 -15.60
N ARG B 162 6.85 -9.23 -16.89
CA ARG B 162 7.98 -9.31 -17.79
C ARG B 162 9.12 -8.37 -17.34
N ALA B 163 8.77 -7.13 -16.96
CA ALA B 163 9.77 -6.18 -16.46
C ALA B 163 10.57 -6.78 -15.29
N ASN B 164 9.87 -7.37 -14.34
CA ASN B 164 10.55 -7.98 -13.21
C ASN B 164 11.45 -9.18 -13.55
N GLN B 165 11.21 -9.81 -14.69
CA GLN B 165 12.09 -10.86 -15.21
C GLN B 165 13.45 -10.31 -15.62
N PHE B 166 13.48 -9.04 -16.02
CA PHE B 166 14.72 -8.39 -16.42
C PHE B 166 15.45 -7.75 -15.24
N VAL B 167 14.72 -6.99 -14.44
CA VAL B 167 15.25 -6.32 -13.25
C VAL B 167 14.30 -6.59 -12.09
N GLU B 168 14.67 -7.47 -11.15
CA GLU B 168 13.79 -7.76 -10.00
C GLU B 168 13.31 -6.50 -9.26
N GLY B 169 12.01 -6.44 -9.01
CA GLY B 169 11.38 -5.32 -8.30
C GLY B 169 11.23 -3.98 -9.00
N ILE B 170 11.47 -3.92 -10.31
CA ILE B 170 11.36 -2.65 -11.03
C ILE B 170 9.91 -2.15 -11.18
N SER B 171 8.97 -3.09 -11.13
CA SER B 171 7.56 -2.82 -11.45
C SER B 171 6.65 -3.48 -10.47
N LEU B 172 5.54 -2.80 -10.20
CA LEU B 172 4.49 -3.31 -9.34
C LEU B 172 3.18 -3.03 -10.05
N ALA B 173 2.31 -4.03 -10.09
CA ALA B 173 1.02 -3.85 -10.76
C ALA B 173 -0.01 -4.83 -10.25
N PHE B 174 -1.25 -4.34 -10.16
CA PHE B 174 -2.36 -5.16 -9.64
C PHE B 174 -3.61 -4.86 -10.45
N LYS B 175 -4.53 -5.82 -10.45
CA LYS B 175 -5.90 -5.57 -10.91
C LYS B 175 -6.83 -5.54 -9.70
N ARG B 176 -7.82 -4.66 -9.75
CA ARG B 176 -8.77 -4.57 -8.65
C ARG B 176 -9.57 -5.85 -8.49
N GLU B 177 -9.73 -6.29 -7.24
CA GLU B 177 -10.52 -7.46 -6.86
C GLU B 177 -11.81 -7.01 -6.18
N ASP B 178 -12.90 -7.70 -6.47
CA ASP B 178 -14.17 -7.44 -5.74
C ASP B 178 -14.39 -8.34 -4.56
N LEU B 179 -14.22 -7.79 -3.34
CA LEU B 179 -14.54 -8.44 -2.07
C LEU B 179 -15.87 -7.94 -1.47
N GLN B 180 -16.55 -7.08 -2.22
CA GLN B 180 -17.82 -6.51 -1.80
C GLN B 180 -17.76 -5.79 -0.47
N LEU B 181 -16.68 -5.06 -0.24
CA LEU B 181 -16.56 -4.24 0.96
C LEU B 181 -17.57 -3.11 0.89
N ARG B 182 -18.27 -2.85 1.98
CA ARG B 182 -19.27 -1.79 2.00
C ARG B 182 -18.66 -0.38 2.03
N TYR B 183 -17.45 -0.29 2.57
CA TYR B 183 -16.72 0.96 2.71
C TYR B 183 -15.28 0.61 3.10
N GLY B 184 -14.47 1.65 3.28
CA GLY B 184 -13.09 1.47 3.70
C GLY B 184 -12.93 1.48 5.20
N GLU B 185 -12.00 2.33 5.68
CA GLU B 185 -11.69 2.36 7.10
C GLU B 185 -12.86 2.89 7.91
N ASN B 186 -13.54 3.87 7.34
CA ASN B 186 -14.74 4.49 7.88
C ASN B 186 -15.89 4.53 6.90
N PRO B 187 -17.14 4.59 7.39
CA PRO B 187 -18.29 4.54 6.46
C PRO B 187 -18.35 5.55 5.32
N HIS B 188 -17.77 6.74 5.51
CA HIS B 188 -17.77 7.79 4.48
C HIS B 188 -16.62 7.61 3.45
N GLU B 189 -15.81 6.55 3.59
CA GLU B 189 -14.64 6.32 2.71
C GLU B 189 -14.82 5.06 1.83
N LYS B 190 -14.51 5.18 0.54
CA LYS B 190 -14.52 4.02 -0.39
C LYS B 190 -13.31 3.13 -0.22
N ALA B 191 -13.48 1.83 -0.46
CA ALA B 191 -12.38 0.87 -0.42
C ALA B 191 -12.04 0.34 -1.82
N PHE B 192 -10.76 0.04 -2.02
CA PHE B 192 -10.26 -0.53 -3.25
C PHE B 192 -9.29 -1.64 -2.86
N VAL B 193 -9.61 -2.87 -3.23
CA VAL B 193 -8.73 -4.02 -3.03
C VAL B 193 -8.06 -4.44 -4.35
N TYR B 194 -6.74 -4.57 -4.32
CA TYR B 194 -5.94 -4.84 -5.50
C TYR B 194 -5.25 -6.17 -5.33
N GLY B 195 -5.46 -7.06 -6.31
CA GLY B 195 -4.91 -8.40 -6.27
C GLY B 195 -5.74 -9.37 -5.44
N LYS B 196 -5.73 -10.64 -5.83
CA LYS B 196 -6.49 -11.63 -5.09
C LYS B 196 -5.80 -11.96 -3.79
N PRO B 197 -6.53 -11.86 -2.67
CA PRO B 197 -5.94 -12.21 -1.37
C PRO B 197 -5.73 -13.70 -1.15
N ALA B 198 -4.68 -14.04 -0.41
CA ALA B 198 -4.36 -15.41 -0.11
C ALA B 198 -5.14 -15.87 1.13
N PHE B 199 -6.48 -15.93 1.02
CA PHE B 199 -7.30 -16.58 2.02
C PHE B 199 -8.58 -17.08 1.39
N GLU B 200 -9.22 -18.00 2.12
CA GLU B 200 -10.56 -18.44 1.87
C GLU B 200 -11.46 -17.93 3.01
N ILE B 201 -12.64 -17.41 2.65
CA ILE B 201 -13.65 -16.99 3.64
C ILE B 201 -14.66 -18.14 3.86
N LEU B 202 -14.77 -18.62 5.10
CA LEU B 202 -15.46 -19.87 5.36
C LEU B 202 -16.82 -19.78 6.05
N HIS B 203 -17.19 -18.62 6.59
CA HIS B 203 -18.51 -18.48 7.23
C HIS B 203 -19.60 -18.19 6.19
N GLU B 204 -20.84 -18.47 6.57
CA GLU B 204 -21.98 -18.36 5.67
C GLU B 204 -22.09 -16.92 5.20
N GLY B 205 -22.16 -16.72 3.88
CA GLY B 205 -22.40 -15.40 3.31
C GLY B 205 -21.15 -14.58 3.08
N LYS B 206 -20.09 -14.88 3.84
CA LYS B 206 -18.74 -14.41 3.57
C LYS B 206 -18.50 -12.93 3.65
N THR B 207 -19.38 -12.23 4.35
CA THR B 207 -19.15 -10.83 4.57
C THR B 207 -17.84 -10.67 5.38
N ILE B 208 -17.05 -9.70 4.97
CA ILE B 208 -15.79 -9.34 5.62
C ILE B 208 -15.62 -7.82 5.44
N SER B 209 -15.00 -7.14 6.39
CA SER B 209 -14.77 -5.69 6.30
C SER B 209 -13.30 -5.34 6.07
N PHE B 210 -13.07 -4.11 5.65
CA PHE B 210 -11.73 -3.56 5.47
C PHE B 210 -10.90 -3.71 6.75
N ASN B 211 -11.44 -3.23 7.87
CA ASN B 211 -10.75 -3.33 9.18
C ASN B 211 -10.50 -4.78 9.62
N ASN B 212 -11.47 -5.68 9.38
CA ASN B 212 -11.28 -7.12 9.61
C ASN B 212 -10.00 -7.63 8.93
N ILE B 213 -9.80 -7.31 7.66
CA ILE B 213 -8.68 -7.83 6.91
C ILE B 213 -7.36 -7.37 7.50
N LEU B 214 -7.26 -6.10 7.91
CA LEU B 214 -5.99 -5.57 8.43
C LEU B 214 -5.71 -6.07 9.84
N ASP B 215 -6.76 -6.27 10.61
CA ASP B 215 -6.62 -6.91 11.94
C ASP B 215 -6.13 -8.37 11.79
N ALA B 216 -6.74 -9.07 10.85
CA ALA B 216 -6.42 -10.48 10.64
C ALA B 216 -5.01 -10.65 10.11
N GLU B 217 -4.53 -9.73 9.29
CA GLU B 217 -3.15 -9.79 8.79
C GLU B 217 -2.13 -9.82 9.94
N ASN B 218 -2.32 -8.91 10.90
CA ASN B 218 -1.39 -8.84 12.03
C ASN B 218 -1.56 -10.02 12.95
N ALA B 219 -2.80 -10.38 13.24
CA ALA B 219 -3.03 -11.51 14.11
C ALA B 219 -2.37 -12.78 13.55
N TRP B 220 -2.54 -12.99 12.24
CA TRP B 220 -2.03 -14.18 11.56
C TRP B 220 -0.50 -14.19 11.46
N PHE B 221 0.08 -13.06 11.03
CA PHE B 221 1.55 -12.95 10.98
C PHE B 221 2.13 -13.39 12.32
N MET B 222 1.57 -12.87 13.41
CA MET B 222 2.09 -13.15 14.77
C MET B 222 1.89 -14.59 15.18
N ALA B 223 0.71 -15.12 14.93
CA ALA B 223 0.42 -16.52 15.29
C ALA B 223 1.33 -17.51 14.53
N LYS B 224 1.45 -17.33 13.21
CA LYS B 224 2.40 -18.08 12.38
C LYS B 224 3.82 -17.91 12.96
N ASN B 225 4.12 -16.72 13.45
CA ASN B 225 5.42 -16.41 14.00
C ASN B 225 5.69 -16.98 15.41
N LEU B 226 4.80 -17.85 15.93
CA LEU B 226 4.96 -18.39 17.29
C LEU B 226 5.64 -19.74 17.34
N PRO B 227 6.64 -19.89 18.24
CA PRO B 227 7.56 -21.03 18.29
C PRO B 227 6.90 -22.32 18.73
N ARG B 228 5.67 -22.27 19.22
CA ARG B 228 4.90 -23.49 19.38
C ARG B 228 3.41 -23.20 19.35
N MET B 229 2.61 -24.23 19.63
CA MET B 229 1.15 -24.06 19.72
C MET B 229 0.80 -22.75 20.42
N GLY B 230 0.06 -21.88 19.73
CA GLY B 230 -0.22 -20.56 20.26
C GLY B 230 -1.37 -19.83 19.62
N ALA B 231 -1.70 -18.69 20.22
CA ALA B 231 -2.95 -17.94 19.95
C ALA B 231 -2.67 -16.47 20.26
N VAL B 232 -3.06 -15.62 19.33
CA VAL B 232 -2.96 -14.18 19.45
C VAL B 232 -4.35 -13.54 19.22
N VAL B 233 -4.71 -12.61 20.12
CA VAL B 233 -5.91 -11.76 20.00
C VAL B 233 -5.47 -10.35 19.68
N VAL B 234 -5.99 -9.81 18.58
CA VAL B 234 -5.75 -8.45 18.10
C VAL B 234 -7.01 -7.58 18.29
N LYS B 235 -6.77 -6.31 18.59
CA LYS B 235 -7.81 -5.29 18.59
C LYS B 235 -7.16 -4.03 18.03
N HIS B 236 -7.77 -3.41 17.03
CA HIS B 236 -7.28 -2.16 16.48
C HIS B 236 -5.85 -2.36 15.98
N GLN B 237 -5.67 -3.48 15.27
CA GLN B 237 -4.43 -3.84 14.61
C GLN B 237 -3.18 -3.98 15.48
N SER B 238 -3.37 -4.20 16.79
CA SER B 238 -2.27 -4.52 17.68
C SER B 238 -2.74 -5.65 18.62
N PRO B 239 -1.83 -6.55 19.02
CA PRO B 239 -2.18 -7.59 19.97
C PRO B 239 -2.63 -7.02 21.28
N CYS B 240 -3.72 -7.56 21.81
CA CYS B 240 -4.08 -7.30 23.20
C CYS B 240 -3.75 -8.49 24.13
N GLY B 241 -3.56 -9.68 23.56
CA GLY B 241 -3.22 -10.84 24.35
C GLY B 241 -2.66 -11.93 23.48
N ALA B 242 -1.78 -12.76 24.06
CA ALA B 242 -1.19 -13.90 23.38
C ALA B 242 -0.77 -14.97 24.39
N ALA B 243 -0.84 -16.23 23.96
CA ALA B 243 -0.33 -17.34 24.77
C ALA B 243 0.26 -18.44 23.88
N ILE B 244 1.13 -19.25 24.49
CA ILE B 244 1.67 -20.45 23.87
C ILE B 244 1.56 -21.56 24.89
N GLY B 245 1.57 -22.78 24.42
CA GLY B 245 1.41 -23.90 25.35
C GLY B 245 1.23 -25.18 24.59
N GLU B 246 0.62 -26.17 25.26
CA GLU B 246 0.34 -27.48 24.66
C GLU B 246 -1.15 -27.82 24.59
N ASP B 247 -1.99 -27.16 25.38
CA ASP B 247 -3.44 -27.45 25.45
C ASP B 247 -4.24 -26.38 24.72
N LYS B 248 -4.85 -26.74 23.59
CA LYS B 248 -5.42 -25.73 22.67
C LYS B 248 -6.51 -24.89 23.33
N VAL B 249 -7.35 -25.53 24.11
CA VAL B 249 -8.47 -24.84 24.72
C VAL B 249 -7.94 -23.84 25.74
N GLU B 250 -6.95 -24.29 26.52
CA GLU B 250 -6.29 -23.47 27.54
C GLU B 250 -5.50 -22.31 26.95
N ILE B 251 -4.71 -22.57 25.92
CA ILE B 251 -3.99 -21.52 25.15
C ILE B 251 -4.91 -20.39 24.68
N VAL B 252 -6.04 -20.77 24.11
CA VAL B 252 -7.02 -19.81 23.62
C VAL B 252 -7.69 -19.05 24.77
N LYS B 253 -8.09 -19.77 25.81
CA LYS B 253 -8.61 -19.13 27.04
C LYS B 253 -7.64 -18.09 27.58
N LYS B 254 -6.36 -18.45 27.68
CA LYS B 254 -5.33 -17.53 28.16
C LYS B 254 -5.12 -16.29 27.32
N ALA B 255 -5.03 -16.45 25.99
CA ALA B 255 -4.88 -15.30 25.10
C ALA B 255 -6.04 -14.33 25.21
N ILE B 256 -7.25 -14.89 25.26
CA ILE B 256 -8.49 -14.09 25.35
C ILE B 256 -8.59 -13.33 26.69
N GLU B 257 -8.30 -14.04 27.78
CA GLU B 257 -8.42 -13.48 29.10
C GLU B 257 -7.24 -12.58 29.54
N ALA B 258 -6.13 -12.57 28.79
CA ALA B 258 -4.95 -11.80 29.16
C ALA B 258 -5.28 -10.31 29.35
N ASP B 259 -5.96 -9.73 28.36
CA ASP B 259 -6.58 -8.44 28.50
C ASP B 259 -8.08 -8.62 28.25
N ASP B 260 -8.75 -9.12 29.27
CA ASP B 260 -10.14 -9.58 29.16
C ASP B 260 -11.12 -8.48 28.74
N GLU B 261 -10.89 -7.26 29.19
CA GLU B 261 -11.73 -6.11 28.82
C GLU B 261 -11.64 -5.76 27.33
N SER B 262 -10.47 -5.94 26.73
CA SER B 262 -10.27 -5.59 25.32
C SER B 262 -10.65 -6.67 24.30
N SER B 263 -10.68 -7.92 24.74
CA SER B 263 -10.82 -9.01 23.78
C SER B 263 -12.25 -9.21 23.25
N PHE B 264 -13.25 -8.53 23.83
CA PHE B 264 -14.60 -8.59 23.27
C PHE B 264 -14.57 -7.96 21.88
N GLY B 265 -15.00 -8.73 20.88
CA GLY B 265 -15.04 -8.25 19.50
C GLY B 265 -13.67 -8.33 18.86
N GLY B 266 -12.77 -9.08 19.47
CA GLY B 266 -11.39 -9.12 19.00
C GLY B 266 -11.23 -10.08 17.84
N ILE B 267 -10.01 -10.15 17.34
CA ILE B 267 -9.65 -11.00 16.23
C ILE B 267 -8.59 -12.01 16.70
N LEU B 268 -8.96 -13.29 16.66
CA LEU B 268 -8.16 -14.40 17.19
C LEU B 268 -7.51 -15.14 16.06
N ALA B 269 -6.20 -15.33 16.15
CA ALA B 269 -5.51 -16.19 15.19
C ALA B 269 -4.82 -17.28 15.98
N VAL B 270 -4.97 -18.53 15.51
CA VAL B 270 -4.30 -19.67 16.09
C VAL B 270 -3.41 -20.30 15.01
N ASN B 271 -2.37 -21.03 15.43
CA ASN B 271 -1.44 -21.69 14.49
C ASN B 271 -1.65 -23.21 14.40
N PHE B 272 -2.85 -23.65 14.79
CA PHE B 272 -3.26 -25.06 14.77
C PHE B 272 -4.68 -25.11 14.22
N GLU B 273 -5.13 -26.30 13.86
CA GLU B 273 -6.48 -26.50 13.34
C GLU B 273 -7.56 -26.18 14.37
N MET B 274 -8.49 -25.31 13.99
CA MET B 274 -9.64 -24.94 14.82
C MET B 274 -10.69 -26.05 14.78
N ASP B 275 -10.94 -26.69 15.94
CA ASP B 275 -11.86 -27.85 16.03
C ASP B 275 -13.10 -27.60 16.89
N GLU B 276 -13.99 -28.58 16.94
CA GLU B 276 -15.29 -28.46 17.62
C GLU B 276 -15.14 -28.14 19.11
N GLU B 277 -14.17 -28.80 19.76
CA GLU B 277 -13.92 -28.57 21.18
C GLU B 277 -13.47 -27.13 21.46
N VAL B 278 -12.49 -26.64 20.71
CA VAL B 278 -12.00 -25.28 20.92
C VAL B 278 -13.09 -24.23 20.61
N ALA B 279 -13.83 -24.45 19.53
CA ALA B 279 -14.92 -23.55 19.11
C ALA B 279 -16.00 -23.41 20.20
N LYS B 280 -16.44 -24.53 20.74
CA LYS B 280 -17.47 -24.57 21.80
C LYS B 280 -16.99 -24.00 23.14
N SER B 281 -15.67 -23.88 23.30
CA SER B 281 -15.06 -23.41 24.55
C SER B 281 -15.04 -21.88 24.62
N LEU B 282 -15.30 -21.22 23.49
CA LEU B 282 -15.29 -19.77 23.42
C LEU B 282 -16.48 -19.18 24.21
N LYS B 283 -16.20 -18.21 25.07
CA LYS B 283 -17.24 -17.59 25.92
C LYS B 283 -17.36 -16.07 25.67
N LYS B 284 -16.67 -15.59 24.64
CA LYS B 284 -16.46 -14.19 24.32
C LYS B 284 -16.86 -14.09 22.86
N TYR B 285 -17.68 -13.11 22.46
CA TYR B 285 -17.84 -12.85 21.02
C TYR B 285 -16.50 -12.37 20.46
N LEU B 286 -16.08 -13.02 19.38
CA LEU B 286 -14.96 -12.57 18.58
C LEU B 286 -15.45 -12.23 17.17
N GLU B 287 -14.95 -11.15 16.63
CA GLU B 287 -15.35 -10.69 15.30
C GLU B 287 -14.81 -11.58 14.15
N VAL B 288 -13.55 -12.00 14.26
CA VAL B 288 -12.88 -12.79 13.23
C VAL B 288 -12.05 -13.87 13.91
N ILE B 289 -12.11 -15.11 13.38
CA ILE B 289 -11.15 -16.16 13.71
C ILE B 289 -10.35 -16.61 12.45
N VAL B 290 -9.02 -16.72 12.63
CA VAL B 290 -8.08 -17.07 11.57
C VAL B 290 -7.33 -18.31 12.03
N ALA B 291 -7.27 -19.32 11.18
CA ALA B 291 -6.57 -20.56 11.46
C ALA B 291 -6.08 -21.19 10.16
N PRO B 292 -5.03 -22.03 10.24
CA PRO B 292 -4.63 -22.78 9.04
C PRO B 292 -5.70 -23.73 8.52
N SER B 293 -6.56 -24.24 9.40
CA SER B 293 -7.68 -25.08 8.99
C SER B 293 -8.78 -25.08 10.05
N PHE B 294 -9.97 -25.48 9.63
CA PHE B 294 -11.15 -25.62 10.50
C PHE B 294 -11.84 -26.93 10.18
N THR B 295 -12.16 -27.74 11.19
CA THR B 295 -13.03 -28.88 10.97
C THR B 295 -14.40 -28.35 10.52
N GLN B 296 -15.17 -29.17 9.83
CA GLN B 296 -16.53 -28.77 9.40
C GLN B 296 -17.43 -28.42 10.60
N GLU B 297 -17.36 -29.22 11.67
CA GLU B 297 -18.10 -28.95 12.91
C GLU B 297 -17.77 -27.60 13.53
N ALA B 298 -16.50 -27.23 13.50
CA ALA B 298 -16.05 -25.96 14.03
C ALA B 298 -16.62 -24.84 13.18
N ILE B 299 -16.71 -25.06 11.86
CA ILE B 299 -17.21 -24.03 10.95
C ILE B 299 -18.68 -23.74 11.24
N GLU B 300 -19.42 -24.80 11.52
CA GLU B 300 -20.85 -24.69 11.76
C GLU B 300 -21.16 -23.91 13.04
N VAL B 301 -20.52 -24.29 14.13
CA VAL B 301 -20.68 -23.65 15.45
C VAL B 301 -20.39 -22.15 15.34
N LEU B 302 -19.27 -21.84 14.72
CA LEU B 302 -18.77 -20.49 14.72
C LEU B 302 -19.53 -19.60 13.74
N SER B 303 -19.75 -20.09 12.54
CA SER B 303 -20.49 -19.33 11.52
C SER B 303 -21.90 -19.00 12.06
N LYS B 304 -22.52 -19.98 12.72
CA LYS B 304 -23.83 -19.77 13.36
C LYS B 304 -23.81 -18.68 14.44
N LYS B 305 -22.65 -18.47 15.08
CA LYS B 305 -22.48 -17.39 16.07
C LYS B 305 -22.05 -16.05 15.47
N LYS B 306 -22.15 -15.88 14.16
CA LYS B 306 -21.76 -14.63 13.49
C LYS B 306 -20.28 -14.28 13.58
N VAL B 307 -19.45 -15.27 13.91
CA VAL B 307 -17.99 -15.07 13.80
C VAL B 307 -17.60 -15.18 12.32
N ARG B 308 -16.72 -14.29 11.85
CA ARG B 308 -16.19 -14.37 10.49
C ARG B 308 -14.90 -15.21 10.47
N LEU B 309 -14.73 -16.03 9.43
CA LEU B 309 -13.72 -17.09 9.43
C LEU B 309 -12.81 -17.00 8.21
N LEU B 310 -11.50 -16.91 8.45
CA LEU B 310 -10.49 -16.80 7.41
C LEU B 310 -9.46 -17.92 7.52
N LYS B 311 -9.21 -18.58 6.39
CA LYS B 311 -8.21 -19.63 6.26
C LYS B 311 -7.15 -19.17 5.25
N PRO B 312 -5.99 -18.73 5.73
CA PRO B 312 -4.97 -18.19 4.83
C PRO B 312 -4.15 -19.24 4.08
N GLY B 313 -3.65 -18.86 2.91
CA GLY B 313 -2.69 -19.65 2.17
C GLY B 313 -1.35 -18.93 2.30
N ASP B 314 -0.34 -19.35 1.54
CA ASP B 314 1.00 -18.81 1.68
C ASP B 314 1.09 -17.46 0.96
N TYR B 315 1.81 -16.52 1.57
CA TYR B 315 2.03 -15.19 0.97
C TYR B 315 3.12 -14.46 1.78
N ALA B 316 3.63 -13.37 1.20
CA ALA B 316 4.61 -12.51 1.85
C ALA B 316 3.95 -11.29 2.45
N SER B 317 4.32 -10.97 3.71
CA SER B 317 3.84 -9.77 4.40
C SER B 317 4.78 -8.60 4.17
N TRP B 318 4.20 -7.41 4.21
CA TRP B 318 4.88 -6.16 3.89
C TRP B 318 4.39 -5.06 4.83
N ALA B 319 5.32 -4.33 5.44
CA ALA B 319 5.01 -3.10 6.11
C ALA B 319 4.96 -1.96 5.05
N GLY B 320 4.38 -0.85 5.47
CA GLY B 320 4.29 0.33 4.63
C GLY B 320 2.90 0.69 4.16
N LYS B 321 2.82 1.83 3.48
CA LYS B 321 1.54 2.46 3.09
C LYS B 321 1.79 3.38 1.91
N MET B 322 0.71 3.90 1.36
CA MET B 322 0.79 5.06 0.45
C MET B 322 1.21 6.28 1.26
N ALA B 323 2.09 7.07 0.71
CA ALA B 323 2.53 8.34 1.31
C ALA B 323 2.98 9.24 0.20
N PHE B 324 2.48 10.48 0.18
CA PHE B 324 2.83 11.44 -0.86
C PHE B 324 2.61 10.88 -2.28
N GLY B 325 1.59 10.03 -2.43
CA GLY B 325 1.25 9.43 -3.72
C GLY B 325 2.18 8.31 -4.22
N SER B 326 3.08 7.83 -3.35
CA SER B 326 3.96 6.69 -3.63
C SER B 326 3.54 5.59 -2.73
N LEU B 327 3.73 4.34 -3.16
CA LEU B 327 3.57 3.19 -2.27
C LEU B 327 4.92 2.86 -1.66
N VAL B 328 5.02 3.00 -0.35
CA VAL B 328 6.31 2.94 0.32
C VAL B 328 6.31 1.69 1.17
N LEU B 329 7.06 0.67 0.74
CA LEU B 329 6.98 -0.67 1.33
C LEU B 329 8.27 -1.15 1.94
N SER B 330 8.13 -2.02 2.94
CA SER B 330 9.24 -2.65 3.62
C SER B 330 8.91 -4.13 3.83
N GLU B 331 9.91 -4.96 3.73
CA GLU B 331 9.80 -6.33 4.23
C GLU B 331 9.34 -6.26 5.67
N ARG B 332 8.58 -7.27 6.05
CA ARG B 332 8.25 -7.47 7.45
C ARG B 332 8.85 -8.80 7.85
N LYS B 333 9.92 -8.74 8.66
CA LYS B 333 10.64 -9.95 9.13
C LYS B 333 10.86 -9.94 10.64
N TYR B 334 10.65 -11.09 11.27
CA TYR B 334 11.12 -11.26 12.65
C TYR B 334 12.60 -11.60 12.56
N PRO B 335 13.48 -10.82 13.26
CA PRO B 335 14.91 -11.00 13.01
C PRO B 335 15.53 -12.30 13.48
N GLU B 336 16.34 -12.84 12.60
CA GLU B 336 17.20 -13.96 12.94
C GLU B 336 18.37 -13.48 13.80
N GLY B 337 18.81 -14.39 14.67
CA GLY B 337 19.92 -14.11 15.57
C GLY B 337 19.62 -14.47 17.00
N ASN B 338 20.60 -15.08 17.65
CA ASN B 338 20.51 -15.42 19.06
C ASN B 338 20.46 -14.15 19.92
N PHE B 339 19.70 -14.19 21.01
CA PHE B 339 19.81 -13.15 22.05
C PHE B 339 21.17 -13.29 22.69
N GLU B 340 21.67 -12.20 23.26
CA GLU B 340 22.98 -12.19 23.89
C GLU B 340 22.88 -11.62 25.28
N LEU B 341 23.22 -12.41 26.31
CA LEU B 341 23.22 -11.93 27.68
C LEU B 341 24.21 -10.74 27.84
N VAL B 342 23.71 -9.61 28.31
CA VAL B 342 24.57 -8.43 28.49
C VAL B 342 24.98 -8.27 29.95
N VAL B 343 24.01 -8.28 30.86
CA VAL B 343 24.35 -8.19 32.26
C VAL B 343 23.32 -8.97 33.11
N GLY B 344 23.75 -9.46 34.26
CA GLY B 344 22.88 -10.15 35.23
C GLY B 344 23.00 -11.63 35.14
N GLU B 345 22.32 -12.35 36.03
CA GLU B 345 22.33 -13.82 36.00
C GLU B 345 21.52 -14.30 34.80
N PRO B 346 21.99 -15.36 34.11
CA PRO B 346 21.27 -15.90 32.96
C PRO B 346 19.93 -16.45 33.40
N LEU B 347 18.92 -16.34 32.55
CA LEU B 347 17.64 -16.96 32.80
C LEU B 347 17.75 -18.48 32.62
N SER B 348 16.84 -19.23 33.24
CA SER B 348 16.69 -20.65 32.98
C SER B 348 16.14 -20.77 31.56
N GLU B 349 16.22 -21.96 30.99
CA GLU B 349 15.66 -22.21 29.65
C GLU B 349 14.17 -21.89 29.55
N LYS B 350 13.41 -22.27 30.58
CA LYS B 350 11.99 -21.98 30.63
C LYS B 350 11.73 -20.47 30.51
N GLU B 351 12.49 -19.68 31.27
CA GLU B 351 12.32 -18.24 31.31
C GLU B 351 12.80 -17.59 30.01
N LEU B 352 13.82 -18.19 29.39
CA LEU B 352 14.36 -17.66 28.14
C LEU B 352 13.35 -17.84 27.01
N GLU B 353 12.60 -18.93 27.08
CA GLU B 353 11.49 -19.17 26.16
C GLU B 353 10.36 -18.13 26.33
N ASP B 354 10.08 -17.72 27.55
CA ASP B 354 9.15 -16.62 27.82
C ASP B 354 9.68 -15.34 27.20
N LEU B 355 10.99 -15.14 27.30
CA LEU B 355 11.63 -13.93 26.76
C LEU B 355 11.57 -13.86 25.23
N GLU B 356 11.79 -15.01 24.60
CA GLU B 356 11.70 -15.13 23.14
C GLU B 356 10.26 -14.91 22.68
N PHE B 357 9.33 -15.56 23.36
CA PHE B 357 7.88 -15.33 23.15
C PHE B 357 7.49 -13.84 23.23
N ALA B 358 7.94 -13.18 24.31
CA ALA B 358 7.73 -11.75 24.52
C ALA B 358 8.29 -10.91 23.35
N TYR B 359 9.49 -11.20 22.87
CA TYR B 359 10.03 -10.42 21.72
C TYR B 359 9.21 -10.67 20.43
N ARG B 360 8.78 -11.91 20.23
CA ARG B 360 7.93 -12.25 19.04
C ARG B 360 6.59 -11.52 19.07
N VAL B 361 5.99 -11.40 20.23
CA VAL B 361 4.74 -10.63 20.35
C VAL B 361 4.99 -9.12 20.22
N VAL B 362 6.08 -8.62 20.82
CA VAL B 362 6.34 -7.19 20.77
C VAL B 362 6.66 -6.71 19.34
N GLU B 363 7.15 -7.63 18.49
CA GLU B 363 7.34 -7.37 17.06
C GLU B 363 6.04 -6.91 16.40
N GLY B 364 4.93 -7.56 16.75
CA GLY B 364 3.62 -7.22 16.19
C GLY B 364 2.90 -6.04 16.83
N ALA B 365 3.32 -5.67 18.06
CA ALA B 365 2.73 -4.54 18.79
C ALA B 365 3.12 -3.24 18.11
N LYS B 366 2.15 -2.32 18.01
CA LYS B 366 2.35 -0.99 17.44
C LYS B 366 3.35 -0.16 18.25
N SER B 367 4.26 0.50 17.56
CA SER B 367 5.40 1.18 18.20
C SER B 367 4.98 2.55 18.72
N ASN B 368 5.64 3.08 19.76
CA ASN B 368 6.56 2.34 20.64
C ASN B 368 5.80 1.31 21.48
N ALA B 369 6.37 0.11 21.64
CA ALA B 369 5.74 -0.96 22.41
C ALA B 369 6.70 -1.57 23.41
N VAL B 370 6.15 -1.85 24.59
CA VAL B 370 6.83 -2.59 25.65
C VAL B 370 5.81 -3.58 26.14
N LEU B 371 6.26 -4.82 26.35
CA LEU B 371 5.34 -5.90 26.74
C LEU B 371 5.95 -6.76 27.85
N ILE B 372 5.10 -7.29 28.71
CA ILE B 372 5.49 -8.06 29.88
C ILE B 372 4.75 -9.43 29.79
N ALA B 373 5.49 -10.51 30.01
CA ALA B 373 4.96 -11.87 29.94
C ALA B 373 5.56 -12.78 31.00
N LYS B 374 4.83 -13.84 31.30
CA LYS B 374 5.29 -14.84 32.26
C LYS B 374 4.53 -16.13 32.03
N ASP B 375 5.24 -17.25 32.10
CA ASP B 375 4.61 -18.58 32.00
C ASP B 375 3.81 -18.75 30.72
N GLY B 376 4.36 -18.26 29.62
CA GLY B 376 3.78 -18.46 28.30
C GLY B 376 2.57 -17.62 27.95
N VAL B 377 2.29 -16.57 28.72
CA VAL B 377 1.17 -15.68 28.41
C VAL B 377 1.55 -14.19 28.60
N THR B 378 1.04 -13.30 27.76
CA THR B 378 1.24 -11.88 28.01
C THR B 378 0.47 -11.45 29.27
N VAL B 379 1.05 -10.53 30.05
CA VAL B 379 0.32 -9.95 31.20
C VAL B 379 0.13 -8.43 31.22
N GLY B 380 0.86 -7.72 30.37
CA GLY B 380 0.69 -6.26 30.25
C GLY B 380 1.30 -5.81 28.95
N ILE B 381 0.52 -5.09 28.14
CA ILE B 381 1.06 -4.54 26.87
C ILE B 381 0.85 -3.04 26.82
N GLY B 382 1.93 -2.29 26.55
CA GLY B 382 1.82 -0.86 26.26
C GLY B 382 2.27 -0.67 24.83
N SER B 383 1.43 -0.07 24.00
CA SER B 383 1.71 0.08 22.57
C SER B 383 1.11 1.37 22.00
N GLY B 384 1.58 1.75 20.82
CA GLY B 384 1.11 2.92 20.15
C GLY B 384 1.54 4.21 20.82
N GLN B 385 2.64 4.19 21.60
CA GLN B 385 3.06 5.29 22.42
C GLN B 385 4.17 6.10 21.74
N PRO B 386 4.15 7.43 21.94
CA PRO B 386 5.13 8.33 21.32
C PRO B 386 6.49 8.33 22.00
N SER B 387 6.56 7.76 23.22
CA SER B 387 7.81 7.63 23.94
C SER B 387 7.90 6.23 24.52
N ARG B 388 9.14 5.80 24.76
CA ARG B 388 9.40 4.45 25.27
C ARG B 388 8.99 4.39 26.74
N LYS B 389 9.17 5.49 27.47
CA LYS B 389 8.81 5.53 28.88
C LYS B 389 7.29 5.32 29.03
N ARG B 390 6.52 5.91 28.12
CA ARG B 390 5.07 5.75 28.19
C ARG B 390 4.65 4.33 27.91
N ALA B 391 5.25 3.71 26.90
CA ALA B 391 4.97 2.33 26.61
C ALA B 391 5.24 1.44 27.84
N ALA B 392 6.38 1.65 28.50
CA ALA B 392 6.75 0.87 29.70
C ALA B 392 5.75 1.08 30.83
N TRP B 393 5.34 2.33 31.03
CA TRP B 393 4.38 2.68 32.06
C TRP B 393 3.05 1.95 31.85
N ILE B 394 2.51 2.02 30.63
CA ILE B 394 1.24 1.37 30.33
C ILE B 394 1.34 -0.13 30.49
N ALA B 395 2.43 -0.74 30.02
CA ALA B 395 2.65 -2.18 30.25
C ALA B 395 2.58 -2.53 31.72
N THR B 396 3.25 -1.76 32.57
CA THR B 396 3.27 -2.08 34.01
C THR B 396 1.89 -1.88 34.68
N VAL B 397 1.20 -0.83 34.27
CA VAL B 397 -0.13 -0.58 34.80
C VAL B 397 -1.07 -1.77 34.49
N MET B 398 -1.02 -2.25 33.26
CA MET B 398 -1.90 -3.36 32.82
C MET B 398 -1.53 -4.67 33.51
N ALA B 399 -0.24 -4.90 33.73
CA ALA B 399 0.23 -6.14 34.39
C ALA B 399 -0.09 -6.20 35.88
N GLY B 400 -0.01 -5.03 36.55
CA GLY B 400 -0.09 -4.98 38.00
C GLY B 400 0.86 -5.95 38.66
N GLU B 401 0.34 -6.71 39.61
CA GLU B 401 1.15 -7.67 40.37
C GLU B 401 1.66 -8.83 39.52
N LYS B 402 1.08 -9.03 38.33
CA LYS B 402 1.53 -10.10 37.42
C LYS B 402 2.94 -9.86 36.85
N ALA B 403 3.42 -8.63 36.97
CA ALA B 403 4.78 -8.27 36.54
C ALA B 403 5.87 -8.84 37.46
N LYS B 404 5.50 -9.16 38.70
CA LYS B 404 6.49 -9.63 39.65
C LYS B 404 7.07 -10.97 39.20
N GLY B 405 8.36 -10.97 38.89
CA GLY B 405 9.04 -12.21 38.50
C GLY B 405 8.90 -12.47 37.00
N ALA B 406 8.30 -11.53 36.28
CA ALA B 406 8.04 -11.67 34.84
C ALA B 406 9.22 -11.18 34.04
N VAL B 407 9.12 -11.34 32.73
CA VAL B 407 10.09 -10.84 31.79
C VAL B 407 9.42 -9.84 30.87
N ALA B 408 10.22 -8.96 30.29
CA ALA B 408 9.75 -7.91 29.39
C ALA B 408 10.55 -7.76 28.10
N ALA B 409 9.86 -7.27 27.07
CA ALA B 409 10.45 -7.01 25.74
C ALA B 409 10.13 -5.60 25.28
N SER B 410 11.11 -4.95 24.67
CA SER B 410 10.92 -3.59 24.13
C SER B 410 11.23 -3.68 22.64
N ASP B 411 10.40 -3.10 21.78
CA ASP B 411 10.64 -3.20 20.32
C ASP B 411 11.76 -2.32 19.74
N ALA B 412 12.24 -1.39 20.54
CA ALA B 412 13.48 -0.68 20.25
C ALA B 412 14.27 -0.44 21.54
N PHE B 413 15.49 0.05 21.36
CA PHE B 413 16.37 0.30 22.47
C PHE B 413 15.78 1.29 23.47
N PHE B 414 16.11 1.07 24.74
CA PHE B 414 15.81 2.03 25.79
C PHE B 414 16.71 3.26 25.64
N PRO B 415 16.12 4.45 25.35
CA PRO B 415 16.95 5.64 25.19
C PRO B 415 17.52 6.22 26.49
N PHE B 416 16.85 5.99 27.60
CA PHE B 416 17.27 6.47 28.91
C PHE B 416 17.00 5.38 29.91
N PRO B 417 17.74 5.38 31.03
CA PRO B 417 17.47 4.36 32.06
C PRO B 417 16.06 4.36 32.70
N ASP B 418 15.30 5.46 32.56
CA ASP B 418 14.01 5.59 33.27
C ASP B 418 13.02 4.46 32.98
N SER B 419 12.90 4.05 31.72
CA SER B 419 11.99 2.94 31.33
C SER B 419 12.36 1.64 32.04
N LEU B 420 13.66 1.47 32.24
CA LEU B 420 14.17 0.34 32.98
C LEU B 420 13.82 0.40 34.46
N GLU B 421 13.88 1.59 35.07
CA GLU B 421 13.47 1.74 36.46
C GLU B 421 11.96 1.41 36.66
N ILE B 422 11.15 1.78 35.67
CA ILE B 422 9.70 1.55 35.68
C ILE B 422 9.45 0.04 35.74
N LEU B 423 10.13 -0.68 34.85
CA LEU B 423 10.01 -2.15 34.79
C LEU B 423 10.52 -2.85 36.05
N ALA B 424 11.69 -2.44 36.57
CA ALA B 424 12.24 -3.09 37.75
C ALA B 424 11.41 -2.83 38.99
N GLN B 425 10.95 -1.59 39.13
CA GLN B 425 10.09 -1.24 40.27
C GLN B 425 8.81 -2.10 40.26
N ALA B 426 8.33 -2.45 39.08
CA ALA B 426 7.17 -3.36 38.94
C ALA B 426 7.46 -4.81 39.25
N GLY B 427 8.74 -5.16 39.40
CA GLY B 427 9.16 -6.51 39.74
C GLY B 427 9.61 -7.41 38.60
N VAL B 428 9.79 -6.80 37.43
CA VAL B 428 10.30 -7.50 36.26
C VAL B 428 11.75 -7.92 36.50
N LYS B 429 12.06 -9.17 36.17
CA LYS B 429 13.37 -9.74 36.49
C LYS B 429 14.37 -9.72 35.35
N ALA B 430 13.86 -9.61 34.13
CA ALA B 430 14.69 -9.66 32.96
C ALA B 430 14.00 -8.97 31.81
N VAL B 431 14.80 -8.31 30.97
CA VAL B 431 14.34 -7.63 29.80
C VAL B 431 15.15 -8.01 28.56
N VAL B 432 14.51 -7.95 27.39
CA VAL B 432 15.18 -8.01 26.08
C VAL B 432 14.86 -6.80 25.21
N ALA B 433 15.90 -6.27 24.56
CA ALA B 433 15.76 -5.09 23.72
C ALA B 433 16.97 -4.99 22.83
N PRO B 434 16.84 -4.30 21.70
CA PRO B 434 18.07 -3.96 20.96
C PRO B 434 18.92 -2.97 21.75
N LEU B 435 20.21 -2.90 21.40
CA LEU B 435 21.07 -1.80 21.85
C LEU B 435 21.20 -0.83 20.68
N GLY B 436 22.02 0.20 20.83
CA GLY B 436 22.13 1.25 19.80
C GLY B 436 22.03 2.69 20.29
N SER B 437 21.65 2.89 21.56
CA SER B 437 21.58 4.24 22.13
C SER B 437 22.97 4.79 22.45
N ILE B 438 23.12 6.11 22.35
CA ILE B 438 24.29 6.75 22.91
C ILE B 438 24.36 6.60 24.44
N ARG B 439 23.25 6.26 25.08
CA ARG B 439 23.23 6.03 26.52
C ARG B 439 23.18 4.54 26.92
N ASP B 440 23.60 3.64 26.03
CA ASP B 440 23.67 2.20 26.32
C ASP B 440 24.42 1.86 27.63
N GLU B 441 25.64 2.41 27.83
CA GLU B 441 26.40 2.15 29.04
C GLU B 441 25.63 2.54 30.30
N GLU B 442 24.96 3.70 30.22
CA GLU B 442 24.15 4.19 31.32
C GLU B 442 22.94 3.29 31.58
N VAL B 443 22.31 2.79 30.52
CA VAL B 443 21.15 1.88 30.65
C VAL B 443 21.59 0.53 31.24
N ILE B 444 22.69 0.00 30.70
CA ILE B 444 23.24 -1.28 31.18
C ILE B 444 23.69 -1.15 32.66
N GLU B 445 24.32 -0.03 33.03
CA GLU B 445 24.70 0.20 34.42
C GLU B 445 23.47 0.27 35.34
N LYS B 446 22.41 0.94 34.89
CA LYS B 446 21.16 0.97 35.64
C LYS B 446 20.61 -0.44 35.81
N ALA B 447 20.62 -1.23 34.75
CA ALA B 447 20.27 -2.67 34.87
C ALA B 447 21.07 -3.41 35.97
N ARG B 448 22.40 -3.20 35.98
CA ARG B 448 23.29 -3.81 36.94
C ARG B 448 22.94 -3.38 38.38
N GLU B 449 22.69 -2.09 38.52
CA GLU B 449 22.35 -1.49 39.81
C GLU B 449 21.03 -2.08 40.35
N LEU B 450 20.07 -2.26 39.47
CA LEU B 450 18.75 -2.74 39.83
C LEU B 450 18.63 -4.27 39.91
N GLY B 451 19.67 -4.99 39.52
CA GLY B 451 19.64 -6.43 39.55
C GLY B 451 18.66 -7.03 38.57
N ILE B 452 18.45 -6.36 37.44
CA ILE B 452 17.64 -6.95 36.36
C ILE B 452 18.54 -7.44 35.24
N THR B 453 18.22 -8.65 34.74
CA THR B 453 18.98 -9.29 33.69
C THR B 453 18.62 -8.68 32.32
N PHE B 454 19.63 -8.36 31.52
CA PHE B 454 19.46 -7.66 30.24
C PHE B 454 20.02 -8.52 29.11
N TYR B 455 19.16 -8.87 28.14
CA TYR B 455 19.53 -9.55 26.91
C TYR B 455 19.38 -8.56 25.74
N LYS B 456 20.40 -8.54 24.87
CA LYS B 456 20.39 -7.78 23.61
C LYS B 456 19.72 -8.60 22.52
N ALA B 457 18.74 -7.99 21.87
CA ALA B 457 18.07 -8.56 20.71
C ALA B 457 18.88 -8.28 19.45
N PRO B 458 18.81 -9.18 18.45
CA PRO B 458 19.64 -9.01 17.25
C PRO B 458 19.29 -7.80 16.36
N SER B 459 18.03 -7.39 16.31
CA SER B 459 17.62 -6.22 15.53
C SER B 459 16.31 -5.67 16.08
N ARG B 460 16.10 -4.38 15.85
CA ARG B 460 14.88 -3.66 16.21
C ARG B 460 13.68 -4.24 15.51
N VAL B 461 12.53 -4.15 16.17
CA VAL B 461 11.25 -4.59 15.60
C VAL B 461 10.15 -3.54 15.75
N PHE B 462 10.41 -2.32 15.30
CA PHE B 462 9.35 -1.33 15.12
C PHE B 462 8.27 -1.92 14.22
N ARG B 463 7.01 -1.67 14.54
CA ARG B 463 5.95 -2.10 13.63
C ARG B 463 4.80 -1.12 13.75
N HIS B 464 4.81 -0.11 12.89
CA HIS B 464 3.83 0.98 12.97
C HIS B 464 2.54 0.67 12.20
#